data_3CGB
#
_entry.id   3CGB
#
_cell.length_a   170.258
_cell.length_b   80.763
_cell.length_c   98.370
_cell.angle_alpha   90.00
_cell.angle_beta   103.98
_cell.angle_gamma   90.00
#
_symmetry.space_group_name_H-M   'C 1 2 1'
#
loop_
_entity.id
_entity.type
_entity.pdbx_description
1 polymer 'Pyridine nucleotide-disulfide oxidoreductase, class I'
2 non-polymer 'COENZYME A'
3 non-polymer 'FLAVIN-ADENINE DINUCLEOTIDE'
4 water water
#
_entity_poly.entity_id   1
_entity_poly.type   'polypeptide(L)'
_entity_poly.pdbx_seq_one_letter_code
;(MSE)GGSHHHHHHG(MSE)AS(MSE)TGGQQ(MSE)GRTLYDDDDKDRWGS(MSE)NYVIIGGDAAG(MSE)SAA
(MSE)QIVRNDENANVVTLEKGEIYSYAQCGLPYVISGAIASTEKLIARNVKTFRDKYGIDAKVRHEVTKVDTEKKIVYA
EHTKTKDVFEFSYDRLLIATGVRPV(MSE)PEWEGRDLQGVHLLKTIPDAERILKTLETNKVEDVTIIGGGAIGLE
(MSE)AETFVELGKKVR(MSE)IERNDHIGTIYDGD(MSE)AEYIYKEADKHHIEILTNENVKAFKGNERVEAVETDKGT
YKADLVLVSVGVKPNTDFLEGTNIRTNHKGAIEVNAY(MSE)QTNVQDVYAAGDCATHYHVIKEIHDHIPIGTTANKQGR
LAGLN(MSE)LDKRRAFKGTLGTGIIKF(MSE)NLTLARTGLNEKEAKGLHIPYKTVKVDSTN(MSE)AGYYPNAKPLYL
KLLYRSDTKQLLGGQVIGEEGVDKRIDVIA(MSE)ALFNK(MSE)SIHDLEDVDLSYAPPYNSVWDPIQQAARRAE
;
_entity_poly.pdbx_strand_id   A,B
#
loop_
_chem_comp.id
_chem_comp.type
_chem_comp.name
_chem_comp.formula
COA non-polymer 'COENZYME A' 'C21 H36 N7 O16 P3 S'
FAD non-polymer 'FLAVIN-ADENINE DINUCLEOTIDE' 'C27 H33 N9 O15 P2'
#
# COMPACT_ATOMS: atom_id res chain seq x y z
N MSE A 37 -37.52 -16.47 6.65
CA MSE A 37 -37.66 -17.46 5.54
C MSE A 37 -38.04 -16.89 4.17
O MSE A 37 -37.46 -17.30 3.18
CB MSE A 37 -38.58 -18.59 5.90
CG MSE A 37 -38.25 -19.76 5.03
SE MSE A 37 -39.61 -21.15 4.86
CE MSE A 37 -39.37 -22.08 6.62
N ASN A 38 -39.03 -16.01 4.09
CA ASN A 38 -39.20 -15.24 2.85
C ASN A 38 -38.42 -13.93 2.88
N TYR A 39 -37.34 -13.90 2.11
CA TYR A 39 -36.51 -12.72 1.98
C TYR A 39 -36.76 -12.14 0.63
N VAL A 40 -37.09 -10.87 0.59
CA VAL A 40 -37.23 -10.16 -0.67
C VAL A 40 -36.13 -9.10 -0.74
N ILE A 41 -35.42 -9.03 -1.87
CA ILE A 41 -34.37 -8.03 -2.08
C ILE A 41 -34.68 -7.19 -3.33
N ILE A 42 -34.63 -5.85 -3.23
CA ILE A 42 -34.87 -4.99 -4.38
C ILE A 42 -33.53 -4.42 -4.85
N GLY A 43 -33.15 -4.72 -6.09
CA GLY A 43 -31.82 -4.43 -6.59
C GLY A 43 -31.00 -5.69 -6.74
N GLY A 44 -30.54 -5.94 -7.96
CA GLY A 44 -29.78 -7.14 -8.25
C GLY A 44 -28.34 -6.87 -8.57
N ASP A 45 -27.71 -5.96 -7.82
CA ASP A 45 -26.29 -5.69 -8.05
C ASP A 45 -25.45 -5.87 -6.79
N ALA A 46 -24.48 -4.98 -6.57
CA ALA A 46 -23.44 -5.19 -5.56
C ALA A 46 -23.99 -5.43 -4.17
N ALA A 47 -24.80 -4.52 -3.66
CA ALA A 47 -25.37 -4.67 -2.32
C ALA A 47 -26.41 -5.78 -2.21
N GLY A 48 -27.33 -5.85 -3.18
CA GLY A 48 -28.42 -6.80 -3.12
C GLY A 48 -27.96 -8.24 -3.20
N MSE A 49 -27.07 -8.51 -4.13
CA MSE A 49 -26.62 -9.88 -4.34
C MSE A 49 -25.55 -10.29 -3.34
O MSE A 49 -25.40 -11.49 -3.03
CB MSE A 49 -26.16 -10.10 -5.77
CG MSE A 49 -27.21 -9.78 -6.83
SE MSE A 49 -29.03 -10.36 -6.30
CE MSE A 49 -28.88 -12.29 -6.64
N SER A 50 -24.80 -9.32 -2.81
CA SER A 50 -23.93 -9.63 -1.68
C SER A 50 -24.76 -10.14 -0.51
N ALA A 51 -25.92 -9.51 -0.27
CA ALA A 51 -26.86 -9.94 0.77
C ALA A 51 -27.43 -11.30 0.44
N ALA A 52 -27.85 -11.48 -0.81
CA ALA A 52 -28.43 -12.74 -1.28
C ALA A 52 -27.52 -13.91 -1.02
N MSE A 53 -26.26 -13.78 -1.42
CA MSE A 53 -25.28 -14.85 -1.23
C MSE A 53 -25.08 -15.26 0.24
O MSE A 53 -24.95 -16.45 0.53
CB MSE A 53 -23.94 -14.46 -1.88
CG MSE A 53 -23.99 -14.31 -3.39
SE MSE A 53 -24.80 -15.93 -4.25
CE MSE A 53 -23.74 -17.32 -3.37
N GLN A 54 -25.06 -14.30 1.15
CA GLN A 54 -25.00 -14.59 2.58
C GLN A 54 -26.18 -15.40 3.09
N ILE A 55 -27.38 -14.99 2.69
CA ILE A 55 -28.61 -15.64 3.12
C ILE A 55 -28.62 -17.08 2.60
N VAL A 56 -28.31 -17.23 1.32
CA VAL A 56 -28.29 -18.50 0.63
C VAL A 56 -27.25 -19.43 1.21
N ARG A 57 -26.06 -18.90 1.51
CA ARG A 57 -25.01 -19.70 2.09
C ARG A 57 -25.28 -20.11 3.53
N ASN A 58 -26.09 -19.36 4.26
CA ASN A 58 -26.22 -19.57 5.70
C ASN A 58 -27.61 -19.89 6.16
N ASP A 59 -28.54 -20.02 5.23
CA ASP A 59 -29.88 -20.53 5.53
C ASP A 59 -30.38 -21.43 4.41
N GLU A 60 -30.37 -22.73 4.72
CA GLU A 60 -30.70 -23.79 3.78
C GLU A 60 -32.16 -23.71 3.34
N ASN A 61 -33.01 -23.28 4.27
CA ASN A 61 -34.47 -23.22 4.05
C ASN A 61 -35.02 -21.96 3.37
N ALA A 62 -34.17 -20.94 3.22
CA ALA A 62 -34.61 -19.60 2.85
C ALA A 62 -35.19 -19.51 1.46
N ASN A 63 -36.28 -18.77 1.33
CA ASN A 63 -36.83 -18.46 0.03
C ASN A 63 -36.45 -17.03 -0.35
N VAL A 64 -35.47 -16.91 -1.24
CA VAL A 64 -34.96 -15.59 -1.62
C VAL A 64 -35.52 -15.22 -2.98
N VAL A 65 -36.18 -14.08 -3.02
CA VAL A 65 -36.69 -13.50 -4.24
C VAL A 65 -35.93 -12.18 -4.41
N THR A 66 -35.31 -11.99 -5.57
CA THR A 66 -34.68 -10.71 -5.88
C THR A 66 -35.40 -10.03 -7.04
N LEU A 67 -35.56 -8.71 -6.94
CA LEU A 67 -36.29 -7.94 -7.94
C LEU A 67 -35.40 -6.88 -8.57
N GLU A 68 -35.09 -7.07 -9.83
CA GLU A 68 -34.22 -6.18 -10.59
C GLU A 68 -34.95 -5.60 -11.79
N LYS A 69 -34.96 -4.28 -11.88
CA LYS A 69 -35.65 -3.53 -12.90
C LYS A 69 -35.12 -3.81 -14.33
N GLY A 70 -33.80 -3.92 -14.49
CA GLY A 70 -33.18 -4.18 -15.78
C GLY A 70 -33.07 -5.67 -16.03
N GLU A 71 -32.14 -6.04 -16.92
CA GLU A 71 -31.97 -7.44 -17.32
C GLU A 71 -30.63 -8.01 -16.93
N ILE A 72 -29.79 -7.20 -16.31
CA ILE A 72 -28.45 -7.64 -15.93
C ILE A 72 -28.24 -7.56 -14.42
N TYR A 73 -27.89 -8.71 -13.84
CA TYR A 73 -27.46 -8.84 -12.45
C TYR A 73 -25.96 -8.70 -12.32
N SER A 74 -25.49 -8.27 -11.15
CA SER A 74 -24.08 -8.39 -10.74
C SER A 74 -23.01 -8.09 -11.79
N TYR A 75 -22.85 -6.82 -12.11
CA TYR A 75 -21.87 -6.41 -13.10
C TYR A 75 -21.06 -5.25 -12.50
N ALA A 76 -19.86 -5.04 -13.01
CA ALA A 76 -18.97 -4.02 -12.50
C ALA A 76 -19.20 -2.72 -13.24
N GLN A 77 -20.00 -1.82 -12.65
CA GLN A 77 -20.17 -0.48 -13.22
C GLN A 77 -18.83 0.25 -13.37
N CYS A 78 -17.88 -0.11 -12.51
CA CYS A 78 -16.55 0.50 -12.50
CA CYS A 78 -16.55 0.50 -12.50
C CYS A 78 -15.77 0.27 -13.79
N GLY A 79 -16.04 -0.85 -14.45
CA GLY A 79 -15.34 -1.20 -15.68
C GLY A 79 -15.88 -0.50 -16.92
N LEU A 80 -17.03 0.14 -16.79
CA LEU A 80 -17.68 0.81 -17.92
C LEU A 80 -16.82 1.86 -18.66
N PRO A 81 -16.13 2.77 -17.94
CA PRO A 81 -15.28 3.64 -18.74
C PRO A 81 -14.18 2.92 -19.53
N TYR A 82 -13.83 1.70 -19.10
CA TYR A 82 -12.70 0.97 -19.66
C TYR A 82 -13.13 0.07 -20.80
N VAL A 83 -14.39 -0.32 -20.80
CA VAL A 83 -15.00 -0.94 -21.98
C VAL A 83 -15.08 0.11 -23.10
N ILE A 84 -15.56 1.30 -22.77
CA ILE A 84 -15.76 2.37 -23.76
C ILE A 84 -14.42 2.77 -24.43
N SER A 85 -13.33 2.77 -23.66
CA SER A 85 -12.01 3.12 -24.18
C SER A 85 -11.41 1.97 -25.00
N GLY A 86 -12.00 0.79 -24.91
CA GLY A 86 -11.48 -0.34 -25.66
C GLY A 86 -10.49 -1.15 -24.86
N ALA A 87 -10.11 -0.67 -23.66
CA ALA A 87 -9.18 -1.39 -22.79
C ALA A 87 -9.73 -2.75 -22.36
N ILE A 88 -11.04 -2.85 -22.25
CA ILE A 88 -11.72 -4.12 -21.95
C ILE A 88 -12.55 -4.53 -23.18
N ALA A 89 -12.48 -5.80 -23.56
CA ALA A 89 -13.03 -6.27 -24.86
C ALA A 89 -14.52 -5.97 -25.09
N SER A 90 -15.35 -6.19 -24.06
CA SER A 90 -16.79 -5.95 -24.15
C SER A 90 -17.39 -5.86 -22.76
N THR A 91 -18.63 -5.39 -22.70
CA THR A 91 -19.38 -5.28 -21.45
C THR A 91 -19.66 -6.64 -20.81
N GLU A 92 -19.63 -7.68 -21.62
CA GLU A 92 -19.85 -9.05 -21.14
C GLU A 92 -18.81 -9.40 -20.07
N LYS A 93 -17.62 -8.80 -20.18
CA LYS A 93 -16.50 -9.08 -19.29
C LYS A 93 -16.78 -8.59 -17.87
N LEU A 94 -17.68 -7.61 -17.76
CA LEU A 94 -17.99 -6.96 -16.50
C LEU A 94 -18.95 -7.73 -15.65
N ILE A 95 -19.58 -8.77 -16.20
CA ILE A 95 -20.55 -9.54 -15.43
C ILE A 95 -19.86 -10.53 -14.46
N ALA A 96 -20.17 -10.40 -13.18
CA ALA A 96 -19.51 -11.17 -12.12
C ALA A 96 -20.23 -12.49 -11.87
N ARG A 97 -21.55 -12.47 -12.00
CA ARG A 97 -22.38 -13.66 -11.82
C ARG A 97 -23.67 -13.48 -12.58
N ASN A 98 -24.03 -14.52 -13.33
CA ASN A 98 -25.24 -14.61 -14.14
C ASN A 98 -26.49 -14.80 -13.33
N VAL A 99 -27.59 -14.25 -13.83
CA VAL A 99 -28.90 -14.55 -13.28
C VAL A 99 -29.17 -16.06 -13.36
N LYS A 100 -28.68 -16.69 -14.44
CA LYS A 100 -28.78 -18.13 -14.59
C LYS A 100 -28.02 -18.87 -13.47
N THR A 101 -26.85 -18.35 -13.09
CA THR A 101 -26.09 -18.93 -11.97
C THR A 101 -26.83 -18.73 -10.64
N PHE A 102 -27.35 -17.53 -10.39
CA PHE A 102 -28.13 -17.27 -9.18
C PHE A 102 -29.33 -18.20 -9.06
N ARG A 103 -30.05 -18.40 -10.17
CA ARG A 103 -31.21 -19.28 -10.18
C ARG A 103 -30.85 -20.77 -10.06
N ASP A 104 -30.00 -21.25 -10.96
CA ASP A 104 -29.73 -22.69 -11.04
C ASP A 104 -28.83 -23.14 -9.92
N LYS A 105 -27.67 -22.52 -9.77
CA LYS A 105 -26.73 -22.94 -8.75
C LYS A 105 -27.22 -22.65 -7.34
N TYR A 106 -27.79 -21.46 -7.13
CA TYR A 106 -28.04 -20.97 -5.76
C TYR A 106 -29.49 -21.00 -5.30
N GLY A 107 -30.42 -21.28 -6.23
CA GLY A 107 -31.84 -21.41 -5.89
C GLY A 107 -32.51 -20.08 -5.58
N ILE A 108 -31.93 -18.99 -6.05
CA ILE A 108 -32.53 -17.69 -5.82
C ILE A 108 -33.59 -17.48 -6.91
N ASP A 109 -34.77 -17.04 -6.51
CA ASP A 109 -35.80 -16.67 -7.48
C ASP A 109 -35.49 -15.27 -7.98
N ALA A 110 -34.55 -15.16 -8.91
CA ALA A 110 -34.09 -13.88 -9.44
C ALA A 110 -34.94 -13.44 -10.61
N LYS A 111 -35.64 -12.32 -10.45
CA LYS A 111 -36.49 -11.74 -11.49
C LYS A 111 -35.78 -10.60 -12.20
N VAL A 112 -36.00 -10.47 -13.51
CA VAL A 112 -35.48 -9.36 -14.29
C VAL A 112 -36.66 -8.54 -14.80
N ARG A 113 -36.42 -7.31 -15.26
CA ARG A 113 -37.53 -6.48 -15.73
C ARG A 113 -38.68 -6.36 -14.72
N HIS A 114 -38.37 -6.41 -13.43
CA HIS A 114 -39.37 -6.20 -12.39
C HIS A 114 -39.01 -4.95 -11.65
N GLU A 115 -39.80 -3.90 -11.88
CA GLU A 115 -39.58 -2.65 -11.17
C GLU A 115 -40.55 -2.50 -10.01
N VAL A 116 -40.02 -2.48 -8.79
CA VAL A 116 -40.80 -2.23 -7.60
C VAL A 116 -41.32 -0.81 -7.64
N THR A 117 -42.62 -0.66 -7.48
CA THR A 117 -43.24 0.66 -7.51
C THR A 117 -43.78 1.04 -6.15
N LYS A 118 -43.99 0.06 -5.28
CA LYS A 118 -44.37 0.37 -3.91
C LYS A 118 -44.21 -0.76 -2.90
N VAL A 119 -44.11 -0.38 -1.64
CA VAL A 119 -43.97 -1.34 -0.57
C VAL A 119 -45.00 -1.03 0.49
N ASP A 120 -45.72 -2.06 0.90
CA ASP A 120 -46.64 -1.94 2.02
C ASP A 120 -45.98 -2.58 3.21
N THR A 121 -45.54 -1.78 4.18
CA THR A 121 -44.73 -2.29 5.30
C THR A 121 -45.55 -2.89 6.43
N GLU A 122 -46.87 -2.69 6.41
CA GLU A 122 -47.80 -3.32 7.37
C GLU A 122 -48.22 -4.72 6.91
N LYS A 123 -48.69 -4.79 5.67
CA LYS A 123 -49.03 -6.06 5.04
C LYS A 123 -47.79 -6.83 4.66
N LYS A 124 -46.64 -6.15 4.63
CA LYS A 124 -45.39 -6.76 4.19
C LYS A 124 -45.48 -7.33 2.77
N ILE A 125 -45.80 -6.44 1.85
CA ILE A 125 -45.97 -6.80 0.47
C ILE A 125 -45.20 -5.82 -0.40
N VAL A 126 -44.43 -6.37 -1.33
CA VAL A 126 -43.70 -5.59 -2.32
C VAL A 126 -44.46 -5.68 -3.66
N TYR A 127 -44.65 -4.52 -4.31
CA TYR A 127 -45.38 -4.44 -5.59
C TYR A 127 -44.45 -4.05 -6.71
N ALA A 128 -44.32 -4.94 -7.70
CA ALA A 128 -43.45 -4.75 -8.81
C ALA A 128 -44.25 -4.77 -10.12
N GLU A 129 -43.83 -3.93 -11.05
CA GLU A 129 -44.46 -3.82 -12.33
C GLU A 129 -43.47 -4.38 -13.35
N HIS A 130 -43.93 -5.30 -14.20
CA HIS A 130 -43.09 -5.77 -15.30
C HIS A 130 -42.83 -4.58 -16.23
N THR A 131 -41.57 -4.36 -16.61
CA THR A 131 -41.22 -3.13 -17.32
C THR A 131 -41.71 -3.15 -18.75
N LYS A 132 -41.97 -4.35 -19.28
CA LYS A 132 -42.44 -4.44 -20.66
C LYS A 132 -43.95 -4.58 -20.73
N THR A 133 -44.48 -5.66 -20.17
CA THR A 133 -45.92 -5.96 -20.19
C THR A 133 -46.76 -5.07 -19.25
N LYS A 134 -46.11 -4.39 -18.31
CA LYS A 134 -46.76 -3.57 -17.26
C LYS A 134 -47.64 -4.32 -16.27
N ASP A 135 -47.65 -5.66 -16.34
CA ASP A 135 -48.36 -6.48 -15.34
C ASP A 135 -47.79 -6.26 -13.95
N VAL A 136 -48.64 -6.33 -12.93
CA VAL A 136 -48.25 -6.07 -11.55
C VAL A 136 -48.21 -7.36 -10.73
N PHE A 137 -47.11 -7.57 -10.01
CA PHE A 137 -46.96 -8.75 -9.17
C PHE A 137 -46.74 -8.37 -7.71
N GLU A 138 -47.25 -9.18 -6.80
CA GLU A 138 -47.07 -8.94 -5.37
C GLU A 138 -46.11 -9.97 -4.82
N PHE A 139 -45.28 -9.56 -3.87
CA PHE A 139 -44.34 -10.46 -3.24
C PHE A 139 -44.39 -10.22 -1.76
N SER A 140 -44.74 -11.24 -1.00
CA SER A 140 -44.87 -11.10 0.43
C SER A 140 -43.50 -11.35 1.05
N TYR A 141 -43.13 -10.56 2.07
CA TYR A 141 -41.82 -10.73 2.74
C TYR A 141 -41.92 -10.93 4.24
N ASP A 142 -40.95 -11.68 4.77
CA ASP A 142 -40.67 -11.67 6.19
C ASP A 142 -39.60 -10.62 6.47
N ARG A 143 -38.55 -10.61 5.66
CA ARG A 143 -37.55 -9.54 5.69
C ARG A 143 -37.27 -8.99 4.31
N LEU A 144 -37.15 -7.67 4.26
CA LEU A 144 -37.00 -6.95 3.01
C LEU A 144 -35.70 -6.19 3.04
N LEU A 145 -34.99 -6.19 1.92
CA LEU A 145 -33.81 -5.34 1.74
C LEU A 145 -33.99 -4.42 0.55
N ILE A 146 -33.71 -3.14 0.76
CA ILE A 146 -33.71 -2.16 -0.33
C ILE A 146 -32.24 -1.94 -0.71
N ALA A 147 -31.91 -2.25 -1.95
CA ALA A 147 -30.55 -2.21 -2.48
C ALA A 147 -30.56 -1.64 -3.92
N THR A 148 -31.26 -0.50 -4.05
CA THR A 148 -31.62 0.08 -5.33
C THR A 148 -30.65 1.15 -5.84
N GLY A 149 -29.59 1.40 -5.08
CA GLY A 149 -28.49 2.27 -5.53
C GLY A 149 -28.95 3.70 -5.78
N VAL A 150 -28.13 4.43 -6.56
CA VAL A 150 -28.42 5.76 -7.04
C VAL A 150 -28.58 5.77 -8.56
N ARG A 151 -29.12 6.86 -9.08
CA ARG A 151 -29.17 7.09 -10.51
C ARG A 151 -28.47 8.42 -10.84
N PRO A 152 -27.81 8.49 -12.02
CA PRO A 152 -27.27 9.79 -12.43
C PRO A 152 -28.41 10.77 -12.69
N VAL A 153 -28.17 12.02 -12.32
CA VAL A 153 -29.14 13.09 -12.45
C VAL A 153 -28.97 13.83 -13.79
N MSE A 154 -30.07 13.97 -14.53
CA MSE A 154 -30.12 14.82 -15.71
C MSE A 154 -30.91 16.08 -15.36
O MSE A 154 -32.13 16.00 -15.24
CB MSE A 154 -30.79 14.10 -16.87
CG MSE A 154 -30.87 14.95 -18.14
SE MSE A 154 -29.09 15.36 -18.96
CE MSE A 154 -28.81 13.66 -19.89
N PRO A 155 -30.24 17.22 -15.16
CA PRO A 155 -31.01 18.44 -14.97
C PRO A 155 -31.94 18.76 -16.14
N GLU A 156 -32.93 19.61 -15.88
CA GLU A 156 -33.99 19.90 -16.85
C GLU A 156 -33.52 20.89 -17.92
N TRP A 157 -32.54 20.48 -18.72
CA TRP A 157 -32.01 21.38 -19.76
C TRP A 157 -32.72 21.17 -21.08
N GLU A 158 -32.99 22.28 -21.77
CA GLU A 158 -33.39 22.18 -23.17
C GLU A 158 -32.36 21.30 -23.87
N GLY A 159 -32.82 20.35 -24.66
CA GLY A 159 -31.93 19.48 -25.39
C GLY A 159 -31.52 18.21 -24.67
N ARG A 160 -31.97 18.04 -23.42
CA ARG A 160 -31.69 16.84 -22.59
C ARG A 160 -31.78 15.58 -23.40
N ASP A 161 -32.78 15.54 -24.29
CA ASP A 161 -33.17 14.30 -24.99
C ASP A 161 -32.57 14.14 -26.38
N LEU A 162 -31.75 15.09 -26.81
CA LEU A 162 -31.05 14.96 -28.09
C LEU A 162 -30.18 13.71 -28.16
N GLN A 163 -30.17 13.03 -29.30
CA GLN A 163 -29.29 11.89 -29.49
C GLN A 163 -27.83 12.34 -29.36
N GLY A 164 -27.06 11.59 -28.58
CA GLY A 164 -25.65 11.89 -28.32
C GLY A 164 -25.44 12.56 -26.97
N VAL A 165 -26.54 12.92 -26.31
CA VAL A 165 -26.50 13.38 -24.92
C VAL A 165 -26.68 12.15 -24.01
N HIS A 166 -25.70 11.89 -23.13
CA HIS A 166 -25.60 10.61 -22.44
C HIS A 166 -25.36 10.73 -20.94
N LEU A 167 -25.97 9.81 -20.19
CA LEU A 167 -25.60 9.52 -18.81
C LEU A 167 -24.82 8.20 -18.84
N LEU A 168 -24.03 7.94 -17.79
CA LEU A 168 -23.33 6.65 -17.69
C LEU A 168 -23.59 5.99 -16.34
N LYS A 169 -24.33 4.87 -16.35
CA LYS A 169 -24.57 4.10 -15.14
C LYS A 169 -24.55 2.60 -15.38
N THR A 170 -25.14 2.17 -16.49
CA THR A 170 -25.47 0.76 -16.68
C THR A 170 -24.77 0.24 -17.93
N ILE A 171 -24.78 -1.06 -18.16
CA ILE A 171 -24.22 -1.60 -19.39
C ILE A 171 -24.96 -1.06 -20.65
N PRO A 172 -26.32 -1.09 -20.68
CA PRO A 172 -27.02 -0.38 -21.76
C PRO A 172 -26.55 1.07 -22.01
N ASP A 173 -26.23 1.83 -20.95
CA ASP A 173 -25.70 3.20 -21.11
C ASP A 173 -24.37 3.21 -21.89
N ALA A 174 -23.46 2.31 -21.52
CA ALA A 174 -22.16 2.25 -22.17
C ALA A 174 -22.35 1.86 -23.62
N GLU A 175 -23.24 0.90 -23.87
CA GLU A 175 -23.58 0.47 -25.23
C GLU A 175 -24.11 1.63 -26.11
N ARG A 176 -24.96 2.46 -25.53
CA ARG A 176 -25.47 3.63 -26.22
C ARG A 176 -24.39 4.64 -26.55
N ILE A 177 -23.38 4.75 -25.69
CA ILE A 177 -22.28 5.68 -25.95
C ILE A 177 -21.42 5.11 -27.08
N LEU A 178 -21.23 3.80 -27.06
CA LEU A 178 -20.49 3.12 -28.08
C LEU A 178 -21.23 3.22 -29.41
N LYS A 179 -22.55 3.04 -29.38
CA LYS A 179 -23.39 3.24 -30.55
C LYS A 179 -23.20 4.65 -31.14
N THR A 180 -23.30 5.68 -30.31
CA THR A 180 -23.03 7.03 -30.78
C THR A 180 -21.65 7.13 -31.44
N LEU A 181 -20.63 6.54 -30.83
CA LEU A 181 -19.27 6.64 -31.34
C LEU A 181 -19.11 5.84 -32.61
N GLU A 182 -19.82 4.72 -32.72
CA GLU A 182 -19.72 3.84 -33.89
C GLU A 182 -20.40 4.47 -35.10
N THR A 183 -21.59 5.01 -34.90
CA THR A 183 -22.35 5.61 -35.98
C THR A 183 -21.83 7.03 -36.19
N ASN A 184 -22.52 8.01 -35.60
CA ASN A 184 -22.14 9.41 -35.62
C ASN A 184 -20.62 9.68 -35.76
N LYS A 185 -20.26 10.75 -36.45
CA LYS A 185 -18.86 11.14 -36.55
C LYS A 185 -18.52 12.06 -35.38
N VAL A 186 -17.84 11.52 -34.39
CA VAL A 186 -17.54 12.28 -33.16
C VAL A 186 -16.10 12.82 -33.19
N GLU A 187 -15.97 14.15 -33.06
CA GLU A 187 -14.68 14.80 -32.96
C GLU A 187 -14.54 15.54 -31.65
N ASP A 188 -15.59 16.27 -31.27
CA ASP A 188 -15.59 17.06 -30.04
C ASP A 188 -16.52 16.44 -29.01
N VAL A 189 -15.99 16.24 -27.81
CA VAL A 189 -16.76 15.73 -26.68
C VAL A 189 -16.75 16.75 -25.55
N THR A 190 -17.92 17.03 -25.00
CA THR A 190 -18.03 17.82 -23.79
C THR A 190 -18.53 16.97 -22.62
N ILE A 191 -17.92 17.15 -21.46
CA ILE A 191 -18.35 16.48 -20.24
C ILE A 191 -18.87 17.55 -19.30
N ILE A 192 -20.08 17.37 -18.80
CA ILE A 192 -20.63 18.30 -17.82
C ILE A 192 -20.45 17.66 -16.45
N GLY A 193 -19.77 18.36 -15.55
CA GLY A 193 -19.40 17.83 -14.25
C GLY A 193 -18.01 17.24 -14.17
N GLY A 194 -17.62 16.83 -12.99
CA GLY A 194 -16.31 16.26 -12.78
C GLY A 194 -16.44 14.99 -11.96
N GLY A 195 -15.75 14.98 -10.83
CA GLY A 195 -15.72 13.81 -9.98
C GLY A 195 -15.03 12.68 -10.70
N ALA A 196 -15.11 11.48 -10.12
CA ALA A 196 -14.41 10.32 -10.64
C ALA A 196 -14.86 10.00 -12.05
N ILE A 197 -16.16 9.95 -12.26
CA ILE A 197 -16.70 9.54 -13.56
C ILE A 197 -16.31 10.53 -14.67
N GLY A 198 -16.47 11.83 -14.42
CA GLY A 198 -16.13 12.85 -15.41
C GLY A 198 -14.67 12.79 -15.81
N LEU A 199 -13.79 12.66 -14.82
CA LEU A 199 -12.36 12.49 -15.02
C LEU A 199 -11.96 11.22 -15.77
N GLU A 200 -12.48 10.06 -15.35
CA GLU A 200 -12.24 8.79 -16.07
C GLU A 200 -12.75 8.85 -17.50
N MSE A 201 -13.90 9.49 -17.69
CA MSE A 201 -14.43 9.60 -19.04
C MSE A 201 -13.68 10.58 -19.92
O MSE A 201 -13.56 10.34 -21.10
CB MSE A 201 -15.95 9.87 -19.02
CG MSE A 201 -16.78 8.69 -18.60
SE MSE A 201 -16.46 7.15 -19.78
CE MSE A 201 -17.54 7.72 -21.31
N ALA A 202 -13.19 11.69 -19.35
CA ALA A 202 -12.28 12.59 -20.09
C ALA A 202 -11.06 11.82 -20.63
N GLU A 203 -10.45 10.99 -19.80
CA GLU A 203 -9.39 10.11 -20.25
C GLU A 203 -9.86 9.17 -21.35
N THR A 204 -11.03 8.55 -21.16
CA THR A 204 -11.54 7.58 -22.13
C THR A 204 -11.68 8.22 -23.54
N PHE A 205 -12.21 9.43 -23.60
CA PHE A 205 -12.42 10.11 -24.87
C PHE A 205 -11.12 10.65 -25.48
N VAL A 206 -10.19 11.11 -24.64
CA VAL A 206 -8.83 11.43 -25.10
C VAL A 206 -8.20 10.19 -25.76
N GLU A 207 -8.26 9.05 -25.09
CA GLU A 207 -7.70 7.83 -25.65
C GLU A 207 -8.40 7.33 -26.92
N LEU A 208 -9.63 7.76 -27.14
CA LEU A 208 -10.37 7.47 -28.37
C LEU A 208 -10.08 8.57 -29.40
N GLY A 209 -9.20 9.49 -29.03
CA GLY A 209 -8.71 10.51 -29.93
C GLY A 209 -9.57 11.74 -30.09
N LYS A 210 -10.45 12.04 -29.13
CA LYS A 210 -11.37 13.16 -29.29
C LYS A 210 -10.80 14.42 -28.68
N LYS A 211 -11.37 15.55 -29.05
CA LYS A 211 -11.04 16.81 -28.38
C LYS A 211 -12.05 16.96 -27.25
N VAL A 212 -11.54 16.90 -26.01
CA VAL A 212 -12.40 16.83 -24.83
C VAL A 212 -12.43 18.14 -24.08
N ARG A 213 -13.63 18.61 -23.80
CA ARG A 213 -13.86 19.74 -22.90
C ARG A 213 -14.66 19.27 -21.67
N MSE A 214 -14.38 19.85 -20.52
CA MSE A 214 -15.12 19.57 -19.31
C MSE A 214 -15.66 20.87 -18.78
O MSE A 214 -14.91 21.84 -18.69
CB MSE A 214 -14.24 18.97 -18.24
CG MSE A 214 -13.62 17.68 -18.64
SE MSE A 214 -12.61 16.96 -17.12
CE MSE A 214 -14.13 16.43 -15.97
N ILE A 215 -16.93 20.88 -18.43
CA ILE A 215 -17.54 22.06 -17.83
C ILE A 215 -17.90 21.72 -16.39
N GLU A 216 -17.26 22.44 -15.47
CA GLU A 216 -17.24 22.06 -14.07
C GLU A 216 -18.18 22.86 -13.18
N ARG A 217 -18.86 22.14 -12.28
CA ARG A 217 -19.78 22.69 -11.28
C ARG A 217 -19.04 23.25 -10.06
N ASN A 218 -19.35 24.49 -9.71
CA ASN A 218 -18.67 25.22 -8.65
C ASN A 218 -19.23 24.87 -7.28
N ASP A 219 -20.40 24.24 -7.26
CA ASP A 219 -20.97 23.67 -6.03
C ASP A 219 -20.20 22.41 -5.56
N HIS A 220 -19.32 21.91 -6.43
CA HIS A 220 -18.54 20.72 -6.13
C HIS A 220 -17.04 20.99 -5.93
N ILE A 221 -16.67 22.27 -5.85
CA ILE A 221 -15.28 22.68 -5.60
C ILE A 221 -14.88 22.42 -4.14
N GLY A 222 -13.80 21.65 -3.97
CA GLY A 222 -13.23 21.35 -2.65
C GLY A 222 -13.91 20.20 -1.94
N THR A 223 -14.90 19.58 -2.60
CA THR A 223 -15.69 18.52 -1.97
C THR A 223 -14.88 17.23 -1.93
N ILE A 224 -14.01 17.03 -2.92
CA ILE A 224 -13.18 15.83 -2.99
C ILE A 224 -11.72 16.14 -2.65
N TYR A 225 -11.09 17.03 -3.42
CA TYR A 225 -9.71 17.47 -3.19
C TYR A 225 -9.66 18.92 -2.76
N ASP A 226 -8.77 19.25 -1.85
CA ASP A 226 -8.50 20.63 -1.51
C ASP A 226 -7.96 21.34 -2.75
N GLY A 227 -8.07 22.67 -2.75
CA GLY A 227 -7.64 23.48 -3.89
C GLY A 227 -6.18 23.33 -4.26
N ASP A 228 -5.32 23.17 -3.26
CA ASP A 228 -3.89 23.04 -3.53
C ASP A 228 -3.51 21.72 -4.19
N MSE A 229 -4.32 20.69 -3.95
CA MSE A 229 -4.12 19.36 -4.52
C MSE A 229 -4.83 19.26 -5.86
O MSE A 229 -4.34 18.60 -6.77
CB MSE A 229 -4.61 18.26 -3.57
CG MSE A 229 -3.87 18.15 -2.24
SE MSE A 229 -1.94 17.74 -2.41
CE MSE A 229 -2.03 15.91 -3.12
N ALA A 230 -5.97 19.91 -6.00
CA ALA A 230 -6.68 19.94 -7.29
C ALA A 230 -5.87 20.61 -8.41
N GLU A 231 -5.01 21.55 -8.05
CA GLU A 231 -4.04 22.14 -8.97
C GLU A 231 -3.33 21.10 -9.82
N TYR A 232 -2.88 20.01 -9.22
CA TYR A 232 -2.21 18.95 -10.00
C TYR A 232 -3.12 18.34 -11.06
N ILE A 233 -4.42 18.40 -10.82
CA ILE A 233 -5.38 17.78 -11.73
C ILE A 233 -5.60 18.70 -12.94
N TYR A 234 -5.73 19.99 -12.66
CA TYR A 234 -5.82 21.01 -13.70
C TYR A 234 -4.58 21.04 -14.60
N LYS A 235 -3.40 20.95 -14.00
CA LYS A 235 -2.17 20.89 -14.77
C LYS A 235 -2.14 19.67 -15.66
N GLU A 236 -2.58 18.53 -15.14
CA GLU A 236 -2.53 17.27 -15.89
C GLU A 236 -3.52 17.26 -17.07
N ALA A 237 -4.69 17.85 -16.84
CA ALA A 237 -5.71 17.95 -17.87
C ALA A 237 -5.20 18.85 -18.99
N ASP A 238 -4.72 20.03 -18.60
CA ASP A 238 -4.17 21.02 -19.50
C ASP A 238 -3.03 20.45 -20.32
N LYS A 239 -2.10 19.77 -19.65
CA LYS A 239 -1.03 19.05 -20.31
C LYS A 239 -1.50 18.17 -21.47
N HIS A 240 -2.63 17.51 -21.30
CA HIS A 240 -3.16 16.60 -22.33
C HIS A 240 -4.25 17.24 -23.19
N HIS A 241 -4.37 18.56 -23.10
CA HIS A 241 -5.27 19.32 -23.97
C HIS A 241 -6.75 19.02 -23.72
N ILE A 242 -7.07 18.79 -22.46
CA ILE A 242 -8.45 18.72 -22.04
C ILE A 242 -8.75 20.11 -21.54
N GLU A 243 -9.70 20.76 -22.19
CA GLU A 243 -10.10 22.10 -21.80
C GLU A 243 -11.09 22.04 -20.66
N ILE A 244 -10.77 22.67 -19.54
CA ILE A 244 -11.66 22.68 -18.38
C ILE A 244 -12.21 24.07 -18.17
N LEU A 245 -13.54 24.20 -18.16
CA LEU A 245 -14.18 25.50 -17.95
C LEU A 245 -14.76 25.58 -16.55
N THR A 246 -14.46 26.68 -15.86
CA THR A 246 -14.83 26.91 -14.48
C THR A 246 -15.80 28.08 -14.38
N ASN A 247 -16.57 28.14 -13.31
CA ASN A 247 -17.61 29.16 -13.15
C ASN A 247 -18.37 29.52 -14.44
N GLU A 248 -18.93 28.48 -15.06
CA GLU A 248 -19.68 28.63 -16.29
C GLU A 248 -20.85 27.67 -16.17
N ASN A 249 -22.05 28.15 -16.45
CA ASN A 249 -23.28 27.39 -16.22
C ASN A 249 -23.94 26.91 -17.49
N VAL A 250 -24.25 25.62 -17.57
CA VAL A 250 -24.95 25.07 -18.74
C VAL A 250 -26.35 25.68 -18.88
N LYS A 251 -26.79 25.83 -20.13
CA LYS A 251 -28.00 26.53 -20.48
C LYS A 251 -28.88 25.62 -21.36
N ALA A 252 -28.28 24.97 -22.33
CA ALA A 252 -29.03 24.13 -23.24
C ALA A 252 -28.09 23.26 -24.02
N PHE A 253 -28.61 22.18 -24.59
CA PHE A 253 -27.90 21.43 -25.60
C PHE A 253 -28.59 21.70 -26.92
N LYS A 254 -27.80 22.03 -27.95
CA LYS A 254 -28.34 22.43 -29.24
C LYS A 254 -28.09 21.37 -30.30
N GLY A 255 -29.05 21.25 -31.21
CA GLY A 255 -28.93 20.31 -32.30
C GLY A 255 -30.25 20.07 -32.99
N ASN A 256 -30.20 19.28 -34.05
CA ASN A 256 -31.36 18.86 -34.81
CA ASN A 256 -31.41 18.89 -34.77
C ASN A 256 -31.98 17.58 -34.23
N GLU A 257 -31.52 16.44 -34.77
CA GLU A 257 -31.96 15.13 -34.28
C GLU A 257 -30.91 14.64 -33.29
N ARG A 258 -29.65 15.03 -33.55
CA ARG A 258 -28.52 14.70 -32.71
C ARG A 258 -28.00 16.00 -32.11
N VAL A 259 -27.26 15.91 -31.01
CA VAL A 259 -26.63 17.07 -30.37
C VAL A 259 -25.46 17.55 -31.25
N GLU A 260 -25.25 18.86 -31.26
CA GLU A 260 -24.11 19.40 -32.00
C GLU A 260 -23.40 20.56 -31.31
N ALA A 261 -23.99 21.08 -30.23
CA ALA A 261 -23.35 22.12 -29.43
C ALA A 261 -23.89 22.17 -28.01
N VAL A 262 -23.12 22.77 -27.12
CA VAL A 262 -23.53 22.98 -25.74
C VAL A 262 -23.51 24.47 -25.51
N GLU A 263 -24.60 25.00 -24.98
CA GLU A 263 -24.70 26.41 -24.67
C GLU A 263 -24.56 26.64 -23.18
N THR A 264 -23.72 27.59 -22.82
CA THR A 264 -23.56 27.97 -21.43
C THR A 264 -23.85 29.46 -21.38
N ASP A 265 -23.73 30.06 -20.20
CA ASP A 265 -23.97 31.49 -20.03
C ASP A 265 -22.77 32.34 -20.52
N LYS A 266 -21.85 31.73 -21.25
CA LYS A 266 -20.67 32.44 -21.74
C LYS A 266 -20.23 32.00 -23.13
N GLY A 267 -20.96 31.10 -23.77
CA GLY A 267 -20.58 30.69 -25.10
C GLY A 267 -21.31 29.46 -25.56
N THR A 268 -21.09 29.07 -26.80
CA THR A 268 -21.71 27.91 -27.37
C THR A 268 -20.61 27.13 -28.06
N TYR A 269 -20.49 25.86 -27.72
CA TYR A 269 -19.34 25.08 -28.14
C TYR A 269 -19.72 23.85 -28.90
N LYS A 270 -19.01 23.55 -29.99
CA LYS A 270 -19.27 22.35 -30.74
C LYS A 270 -19.09 21.10 -29.86
N ALA A 271 -20.04 20.18 -29.96
CA ALA A 271 -19.97 18.92 -29.24
C ALA A 271 -20.76 17.91 -30.03
N ASP A 272 -20.14 16.78 -30.35
CA ASP A 272 -20.80 15.71 -31.10
C ASP A 272 -21.32 14.63 -30.15
N LEU A 273 -20.91 14.75 -28.89
CA LEU A 273 -21.27 13.82 -27.83
C LEU A 273 -21.13 14.57 -26.52
N VAL A 274 -22.14 14.43 -25.67
CA VAL A 274 -22.14 15.07 -24.37
C VAL A 274 -22.35 13.99 -23.31
N LEU A 275 -21.45 13.93 -22.33
CA LEU A 275 -21.67 13.12 -21.15
C LEU A 275 -22.00 14.02 -19.97
N VAL A 276 -23.12 13.75 -19.32
CA VAL A 276 -23.53 14.52 -18.16
C VAL A 276 -23.26 13.70 -16.89
N SER A 277 -22.50 14.30 -15.98
CA SER A 277 -22.03 13.62 -14.78
C SER A 277 -22.01 14.60 -13.63
N VAL A 278 -23.19 15.05 -13.23
CA VAL A 278 -23.34 16.16 -12.28
C VAL A 278 -23.90 15.78 -10.91
N GLY A 279 -24.10 14.51 -10.64
CA GLY A 279 -24.65 14.18 -9.34
C GLY A 279 -25.52 12.95 -9.45
N VAL A 280 -25.82 12.36 -8.31
CA VAL A 280 -26.60 11.14 -8.27
C VAL A 280 -27.74 11.30 -7.29
N LYS A 281 -28.81 10.55 -7.48
CA LYS A 281 -29.95 10.61 -6.57
C LYS A 281 -30.24 9.18 -6.13
N PRO A 282 -30.40 8.95 -4.81
CA PRO A 282 -30.85 7.61 -4.39
C PRO A 282 -32.17 7.20 -5.04
N ASN A 283 -32.27 5.94 -5.41
CA ASN A 283 -33.45 5.41 -6.05
C ASN A 283 -34.45 4.95 -5.01
N THR A 284 -35.03 5.91 -4.28
CA THR A 284 -35.83 5.59 -3.11
C THR A 284 -37.19 6.27 -3.19
N ASP A 285 -37.43 6.95 -4.32
CA ASP A 285 -38.68 7.58 -4.75
CA ASP A 285 -38.71 7.65 -4.50
C ASP A 285 -39.93 6.76 -4.40
N PHE A 286 -39.85 5.49 -4.80
CA PHE A 286 -40.95 4.55 -4.66
C PHE A 286 -41.39 4.29 -3.23
N LEU A 287 -40.58 4.72 -2.26
CA LEU A 287 -40.88 4.43 -0.85
C LEU A 287 -41.68 5.52 -0.16
N GLU A 288 -41.95 6.60 -0.90
CA GLU A 288 -42.85 7.64 -0.39
C GLU A 288 -44.14 6.98 0.05
N GLY A 289 -44.61 7.35 1.24
CA GLY A 289 -45.79 6.72 1.82
C GLY A 289 -45.48 5.69 2.89
N THR A 290 -44.32 5.03 2.79
CA THR A 290 -43.86 4.20 3.90
C THR A 290 -43.39 5.18 4.98
N ASN A 291 -43.05 4.68 6.16
CA ASN A 291 -42.50 5.60 7.16
C ASN A 291 -40.96 5.52 7.20
N ILE A 292 -40.35 4.98 6.14
CA ILE A 292 -38.90 4.72 6.11
C ILE A 292 -38.13 6.03 6.02
N ARG A 293 -37.32 6.30 7.05
CA ARG A 293 -36.59 7.57 7.17
C ARG A 293 -35.43 7.70 6.21
N THR A 294 -35.25 8.95 5.76
CA THR A 294 -34.37 9.24 4.70
C THR A 294 -33.59 10.51 5.09
N ASN A 295 -32.34 10.66 4.66
CA ASN A 295 -31.63 11.94 4.84
C ASN A 295 -32.12 12.95 3.79
N HIS A 296 -31.58 14.17 3.79
CA HIS A 296 -32.11 15.22 2.92
C HIS A 296 -32.08 14.86 1.44
N LYS A 297 -31.10 14.07 1.00
CA LYS A 297 -31.00 13.70 -0.42
C LYS A 297 -31.70 12.41 -0.76
N GLY A 298 -32.40 11.84 0.20
CA GLY A 298 -33.19 10.64 -0.07
C GLY A 298 -32.51 9.32 0.23
N ALA A 299 -31.30 9.34 0.80
CA ALA A 299 -30.65 8.07 1.13
C ALA A 299 -31.28 7.51 2.40
N ILE A 300 -31.53 6.22 2.43
CA ILE A 300 -32.23 5.62 3.57
C ILE A 300 -31.34 5.45 4.80
N GLU A 301 -31.82 5.90 5.96
CA GLU A 301 -31.03 5.80 7.17
C GLU A 301 -31.03 4.36 7.65
N VAL A 302 -29.84 3.89 8.01
CA VAL A 302 -29.62 2.58 8.60
C VAL A 302 -28.84 2.70 9.90
N ASN A 303 -29.20 1.89 10.90
CA ASN A 303 -28.42 1.76 12.11
C ASN A 303 -27.23 0.83 11.87
N ALA A 304 -26.56 0.42 12.95
CA ALA A 304 -25.31 -0.30 12.87
C ALA A 304 -25.50 -1.59 12.10
N TYR A 305 -26.74 -2.05 12.10
CA TYR A 305 -27.07 -3.40 11.65
C TYR A 305 -27.82 -3.39 10.33
N MSE A 306 -27.74 -2.26 9.60
CA MSE A 306 -28.36 -2.08 8.28
C MSE A 306 -29.88 -2.03 8.32
O MSE A 306 -30.52 -2.21 7.29
CB MSE A 306 -27.90 -3.15 7.27
CG MSE A 306 -26.39 -3.39 7.25
SE MSE A 306 -25.49 -1.76 6.52
CE MSE A 306 -25.22 -0.72 8.16
N GLN A 307 -30.45 -1.80 9.51
CA GLN A 307 -31.89 -1.75 9.67
C GLN A 307 -32.40 -0.35 9.54
N THR A 308 -33.51 -0.19 8.81
CA THR A 308 -34.23 1.08 8.77
C THR A 308 -34.99 1.28 10.07
N ASN A 309 -35.77 2.35 10.19
CA ASN A 309 -36.60 2.53 11.37
C ASN A 309 -37.85 1.68 11.30
N VAL A 310 -38.04 0.99 10.17
CA VAL A 310 -39.26 0.21 9.99
C VAL A 310 -38.93 -1.24 10.19
N GLN A 311 -39.68 -1.87 11.09
CA GLN A 311 -39.49 -3.25 11.48
C GLN A 311 -39.33 -4.18 10.28
N ASP A 312 -38.24 -4.96 10.25
CA ASP A 312 -37.95 -5.96 9.20
C ASP A 312 -37.61 -5.42 7.82
N VAL A 313 -37.39 -4.10 7.74
CA VAL A 313 -36.91 -3.50 6.51
C VAL A 313 -35.47 -3.05 6.71
N TYR A 314 -34.60 -3.50 5.80
CA TYR A 314 -33.16 -3.17 5.76
C TYR A 314 -32.80 -2.38 4.49
N ALA A 315 -31.61 -1.78 4.47
CA ALA A 315 -31.10 -1.09 3.27
C ALA A 315 -29.58 -1.19 3.28
N ALA A 316 -28.96 -1.04 2.10
CA ALA A 316 -27.55 -1.25 1.93
C ALA A 316 -27.13 -0.69 0.59
N GLY A 317 -25.92 -0.15 0.54
CA GLY A 317 -25.33 0.29 -0.70
C GLY A 317 -25.55 1.77 -0.96
N ASP A 318 -25.55 2.15 -2.23
CA ASP A 318 -25.73 3.54 -2.60
C ASP A 318 -27.05 4.13 -2.20
N CYS A 319 -28.10 3.32 -1.98
CA CYS A 319 -29.36 3.94 -1.57
C CYS A 319 -29.47 4.22 -0.07
N ALA A 320 -28.46 3.79 0.70
CA ALA A 320 -28.46 3.95 2.14
C ALA A 320 -27.46 4.99 2.60
N THR A 321 -27.54 5.37 3.88
CA THR A 321 -26.53 6.28 4.47
C THR A 321 -25.35 5.43 4.98
N HIS A 322 -24.21 6.11 5.14
CA HIS A 322 -22.93 5.48 5.41
C HIS A 322 -22.29 6.11 6.63
N TYR A 323 -22.34 5.41 7.74
CA TYR A 323 -21.65 5.84 8.91
C TYR A 323 -20.18 6.13 8.61
N HIS A 324 -19.73 7.32 9.03
CA HIS A 324 -18.37 7.75 8.73
C HIS A 324 -17.48 7.63 9.97
N VAL A 325 -16.40 6.87 9.86
CA VAL A 325 -15.51 6.58 11.01
C VAL A 325 -14.99 7.88 11.66
N ILE A 326 -14.69 8.87 10.83
CA ILE A 326 -14.06 10.12 11.28
C ILE A 326 -15.05 11.26 11.51
N LYS A 327 -16.03 11.42 10.62
CA LYS A 327 -17.11 12.37 10.93
C LYS A 327 -18.01 11.94 12.11
N GLU A 328 -18.16 10.62 12.32
CA GLU A 328 -19.04 10.09 13.39
C GLU A 328 -20.51 10.47 13.20
N ILE A 329 -20.89 10.57 11.92
CA ILE A 329 -22.22 10.91 11.51
C ILE A 329 -22.52 10.03 10.30
N HIS A 330 -23.79 9.84 9.96
CA HIS A 330 -24.17 9.06 8.78
C HIS A 330 -24.09 9.93 7.54
N ASP A 331 -23.08 9.66 6.74
CA ASP A 331 -22.76 10.37 5.53
C ASP A 331 -23.42 9.70 4.32
N HIS A 332 -23.11 10.18 3.12
CA HIS A 332 -23.53 9.47 1.93
C HIS A 332 -22.39 9.56 0.96
N ILE A 333 -21.68 8.44 0.82
CA ILE A 333 -20.52 8.31 -0.04
C ILE A 333 -20.68 7.03 -0.85
N PRO A 334 -21.51 7.11 -1.89
CA PRO A 334 -21.86 5.90 -2.60
C PRO A 334 -20.67 5.39 -3.41
N ILE A 335 -20.24 4.16 -3.15
CA ILE A 335 -19.10 3.60 -3.83
C ILE A 335 -19.22 2.10 -3.69
N GLY A 336 -18.61 1.37 -4.61
CA GLY A 336 -18.81 -0.08 -4.69
C GLY A 336 -18.21 -0.92 -3.55
N THR A 337 -17.12 -0.45 -2.96
CA THR A 337 -16.50 -1.14 -1.83
C THR A 337 -17.48 -1.15 -0.66
N THR A 338 -17.97 0.04 -0.30
CA THR A 338 -19.03 0.20 0.68
C THR A 338 -20.31 -0.58 0.39
N ALA A 339 -20.73 -0.64 -0.88
CA ALA A 339 -21.99 -1.35 -1.22
C ALA A 339 -21.85 -2.84 -0.96
N ASN A 340 -20.72 -3.40 -1.36
CA ASN A 340 -20.47 -4.82 -1.10
C ASN A 340 -20.37 -5.10 0.39
N LYS A 341 -19.63 -4.27 1.12
CA LYS A 341 -19.59 -4.46 2.58
C LYS A 341 -20.95 -4.33 3.23
N GLN A 342 -21.73 -3.28 2.90
CA GLN A 342 -23.04 -3.13 3.50
C GLN A 342 -24.02 -4.22 3.08
N GLY A 343 -23.99 -4.63 1.82
CA GLY A 343 -24.87 -5.71 1.36
C GLY A 343 -24.60 -7.02 2.08
N ARG A 344 -23.32 -7.36 2.20
CA ARG A 344 -22.92 -8.55 2.94
C ARG A 344 -23.39 -8.48 4.40
N LEU A 345 -23.20 -7.33 5.05
CA LEU A 345 -23.64 -7.08 6.41
C LEU A 345 -25.17 -7.16 6.55
N ALA A 346 -25.89 -6.60 5.57
CA ALA A 346 -27.35 -6.62 5.58
C ALA A 346 -27.86 -8.07 5.52
N GLY A 347 -27.26 -8.88 4.63
CA GLY A 347 -27.60 -10.31 4.55
C GLY A 347 -27.39 -10.98 5.90
N LEU A 348 -26.18 -10.81 6.45
CA LEU A 348 -25.85 -11.38 7.78
C LEU A 348 -26.83 -10.99 8.85
N ASN A 349 -27.12 -9.69 8.95
CA ASN A 349 -28.07 -9.23 9.97
C ASN A 349 -29.52 -9.67 9.78
N MSE A 350 -29.90 -9.83 8.52
CA MSE A 350 -31.23 -10.31 8.18
C MSE A 350 -31.42 -11.76 8.65
O MSE A 350 -32.54 -12.16 8.91
CB MSE A 350 -31.48 -10.20 6.68
CG MSE A 350 -31.89 -8.82 6.25
SE MSE A 350 -31.59 -8.59 4.32
CE MSE A 350 -33.42 -9.08 3.68
N LEU A 351 -30.32 -12.50 8.75
CA LEU A 351 -30.27 -13.86 9.33
C LEU A 351 -30.05 -13.86 10.84
N ASP A 352 -30.07 -12.68 11.45
CA ASP A 352 -29.74 -12.52 12.87
C ASP A 352 -28.34 -12.99 13.26
N LYS A 353 -27.40 -12.93 12.32
CA LYS A 353 -26.00 -13.10 12.62
C LYS A 353 -25.47 -11.69 12.87
N ARG A 354 -25.67 -11.22 14.09
CA ARG A 354 -25.52 -9.79 14.40
C ARG A 354 -24.10 -9.30 14.15
N ARG A 355 -23.92 -8.33 13.26
CA ARG A 355 -22.59 -7.77 13.03
C ARG A 355 -22.75 -6.31 12.66
N ALA A 356 -22.05 -5.43 13.37
CA ALA A 356 -22.11 -4.00 13.08
C ALA A 356 -21.21 -3.60 11.91
N PHE A 357 -21.66 -2.61 11.12
CA PHE A 357 -20.88 -1.96 10.05
C PHE A 357 -19.99 -0.91 10.71
N LYS A 358 -18.68 -0.99 10.44
CA LYS A 358 -17.72 -0.16 11.15
C LYS A 358 -17.63 1.25 10.58
N GLY A 359 -18.12 1.40 9.35
CA GLY A 359 -18.16 2.70 8.68
C GLY A 359 -17.32 2.81 7.41
N THR A 360 -17.44 3.99 6.79
CA THR A 360 -16.71 4.37 5.61
C THR A 360 -15.64 5.40 6.05
N LEU A 361 -14.60 5.53 5.25
CA LEU A 361 -13.55 6.52 5.49
C LEU A 361 -13.62 7.56 4.41
N GLY A 362 -14.51 7.37 3.45
CA GLY A 362 -14.59 8.28 2.31
C GLY A 362 -13.40 8.09 1.40
N THR A 363 -12.85 6.86 1.38
CA THR A 363 -11.72 6.57 0.52
C THR A 363 -12.13 6.62 -0.98
N GLY A 364 -11.28 7.18 -1.83
CA GLY A 364 -11.56 7.25 -3.26
C GLY A 364 -10.27 7.30 -4.04
N ILE A 365 -10.21 6.61 -5.17
CA ILE A 365 -9.04 6.65 -6.04
C ILE A 365 -9.45 6.69 -7.52
N ILE A 366 -8.73 7.48 -8.32
CA ILE A 366 -9.05 7.72 -9.73
C ILE A 366 -7.76 7.65 -10.53
N LYS A 367 -7.80 6.94 -11.65
CA LYS A 367 -6.75 7.08 -12.66
C LYS A 367 -7.14 8.24 -13.56
N PHE A 368 -6.24 9.22 -13.70
CA PHE A 368 -6.49 10.32 -14.62
C PHE A 368 -5.27 10.67 -15.47
N MSE A 369 -5.26 10.21 -16.72
CA MSE A 369 -4.13 10.39 -17.63
C MSE A 369 -2.91 9.71 -17.03
O MSE A 369 -2.94 8.50 -16.81
CB MSE A 369 -3.88 11.87 -17.97
CG MSE A 369 -5.05 12.59 -18.65
SE MSE A 369 -5.93 11.59 -20.09
CE MSE A 369 -4.41 11.16 -21.29
N ASN A 370 -1.85 10.46 -16.74
CA ASN A 370 -0.65 9.86 -16.15
C ASN A 370 -0.66 9.78 -14.62
N LEU A 371 -1.61 10.48 -14.00
CA LEU A 371 -1.70 10.61 -12.56
C LEU A 371 -2.64 9.60 -11.94
N THR A 372 -2.37 9.29 -10.66
CA THR A 372 -3.30 8.58 -9.76
C THR A 372 -3.69 9.59 -8.70
N LEU A 373 -4.99 9.67 -8.44
CA LEU A 373 -5.49 10.68 -7.49
C LEU A 373 -6.17 9.93 -6.36
N ALA A 374 -5.69 10.08 -5.14
CA ALA A 374 -6.31 9.37 -4.03
C ALA A 374 -6.58 10.27 -2.85
N ARG A 375 -7.65 9.96 -2.12
CA ARG A 375 -8.02 10.67 -0.92
C ARG A 375 -8.77 9.74 0.04
N THR A 376 -8.69 10.00 1.33
CA THR A 376 -9.44 9.23 2.35
C THR A 376 -9.63 10.15 3.53
N GLY A 377 -10.63 9.89 4.38
CA GLY A 377 -10.88 10.75 5.56
C GLY A 377 -11.36 12.15 5.19
N LEU A 378 -11.08 13.11 6.06
CA LEU A 378 -11.50 14.49 5.84
C LEU A 378 -10.51 15.29 5.00
N ASN A 379 -11.02 16.12 4.10
CA ASN A 379 -10.22 17.20 3.48
C ASN A 379 -10.52 18.50 4.23
N GLU A 380 -9.97 19.63 3.80
CA GLU A 380 -10.16 20.84 4.60
C GLU A 380 -11.60 21.29 4.63
N LYS A 381 -12.33 21.12 3.54
CA LYS A 381 -13.73 21.54 3.49
C LYS A 381 -14.55 20.76 4.51
N GLU A 382 -14.32 19.45 4.58
CA GLU A 382 -15.01 18.58 5.54
C GLU A 382 -14.63 18.89 6.99
N ALA A 383 -13.35 19.06 7.29
CA ALA A 383 -12.92 19.40 8.64
C ALA A 383 -13.49 20.75 9.09
N LYS A 384 -13.44 21.74 8.21
CA LYS A 384 -14.05 23.03 8.53
C LYS A 384 -15.55 22.97 8.75
N GLY A 385 -16.25 22.20 7.92
CA GLY A 385 -17.70 22.13 8.03
C GLY A 385 -18.10 21.48 9.34
N LEU A 386 -17.26 20.60 9.85
CA LEU A 386 -17.53 19.92 11.11
C LEU A 386 -16.99 20.64 12.33
N HIS A 387 -16.26 21.74 12.14
CA HIS A 387 -15.68 22.47 13.26
C HIS A 387 -14.73 21.64 14.11
N ILE A 388 -14.05 20.72 13.45
CA ILE A 388 -12.95 19.97 14.05
C ILE A 388 -11.65 20.78 13.87
N PRO A 389 -10.96 21.13 14.97
CA PRO A 389 -9.70 21.87 14.84
C PRO A 389 -8.60 20.99 14.24
N TYR A 390 -7.95 21.44 13.17
CA TYR A 390 -7.00 20.59 12.45
C TYR A 390 -5.84 21.41 11.95
N LYS A 391 -4.72 20.75 11.66
CA LYS A 391 -3.61 21.36 10.96
C LYS A 391 -3.33 20.45 9.78
N THR A 392 -2.48 20.88 8.86
CA THR A 392 -2.13 20.06 7.72
C THR A 392 -0.61 20.02 7.58
N VAL A 393 -0.12 18.98 6.92
CA VAL A 393 1.27 18.88 6.48
CA VAL A 393 1.27 18.88 6.49
C VAL A 393 1.27 18.44 5.03
N LYS A 394 2.03 19.14 4.20
CA LYS A 394 2.14 18.80 2.78
C LYS A 394 3.59 18.56 2.44
N VAL A 395 3.85 17.48 1.71
CA VAL A 395 5.21 17.08 1.38
C VAL A 395 5.27 16.86 -0.15
N ASP A 396 6.28 17.46 -0.81
CA ASP A 396 6.58 17.13 -2.22
C ASP A 396 7.79 16.23 -2.19
N SER A 397 7.59 14.99 -2.58
CA SER A 397 8.53 13.93 -2.30
C SER A 397 8.63 13.08 -3.55
N THR A 398 9.07 11.83 -3.39
CA THR A 398 9.16 10.88 -4.47
C THR A 398 8.55 9.55 -4.00
N ASN A 399 8.15 8.68 -4.92
CA ASN A 399 7.58 7.41 -4.55
C ASN A 399 8.64 6.42 -4.06
N MSE A 400 9.89 6.65 -4.43
CA MSE A 400 10.96 5.81 -3.99
C MSE A 400 12.25 6.56 -3.87
O MSE A 400 12.31 7.78 -4.08
CB MSE A 400 11.15 4.64 -4.95
CG MSE A 400 11.51 5.08 -6.34
SE MSE A 400 11.31 3.60 -7.53
CE MSE A 400 9.36 3.40 -7.59
N ALA A 401 13.28 5.80 -3.51
CA ALA A 401 14.64 6.30 -3.35
C ALA A 401 14.94 7.22 -4.51
N GLY A 402 15.28 8.47 -4.21
CA GLY A 402 15.49 9.49 -5.26
C GLY A 402 16.59 9.15 -6.24
N TYR A 403 17.59 8.39 -5.80
CA TYR A 403 18.70 8.00 -6.67
C TYR A 403 18.38 6.80 -7.61
N TYR A 404 17.28 6.10 -7.33
CA TYR A 404 16.85 4.95 -8.12
C TYR A 404 16.19 5.42 -9.42
N PRO A 405 16.47 4.73 -10.54
CA PRO A 405 15.94 5.12 -11.86
C PRO A 405 14.41 5.14 -11.95
N ASN A 406 13.88 6.18 -12.58
CA ASN A 406 12.42 6.34 -12.71
C ASN A 406 11.64 6.55 -11.36
N ALA A 407 12.34 7.03 -10.33
CA ALA A 407 11.66 7.57 -9.16
C ALA A 407 10.78 8.71 -9.66
N LYS A 408 9.53 8.77 -9.21
CA LYS A 408 8.60 9.80 -9.67
C LYS A 408 8.17 10.72 -8.55
N PRO A 409 7.79 11.96 -8.87
CA PRO A 409 7.34 12.84 -7.80
C PRO A 409 6.05 12.31 -7.16
N LEU A 410 5.89 12.59 -5.87
CA LEU A 410 4.72 12.15 -5.13
C LEU A 410 4.32 13.30 -4.22
N TYR A 411 3.08 13.78 -4.37
CA TYR A 411 2.54 14.85 -3.55
C TYR A 411 1.55 14.29 -2.53
N LEU A 412 1.77 14.59 -1.26
CA LEU A 412 1.02 13.98 -0.18
C LEU A 412 0.64 15.03 0.87
N LYS A 413 -0.62 15.05 1.28
CA LYS A 413 -1.08 15.98 2.29
C LYS A 413 -1.84 15.23 3.39
N LEU A 414 -1.56 15.55 4.65
CA LEU A 414 -2.29 14.94 5.78
C LEU A 414 -2.94 16.05 6.59
N LEU A 415 -4.09 15.72 7.18
CA LEU A 415 -4.75 16.59 8.12
C LEU A 415 -4.75 15.83 9.40
N TYR A 416 -4.58 16.56 10.50
CA TYR A 416 -4.60 15.96 11.82
C TYR A 416 -5.19 16.93 12.83
N ARG A 417 -5.75 16.40 13.90
CA ARG A 417 -6.34 17.22 14.93
C ARG A 417 -5.26 18.01 15.60
N SER A 418 -5.48 19.31 15.79
CA SER A 418 -4.44 20.12 16.39
C SER A 418 -4.29 19.84 17.89
N ASP A 419 -5.35 19.36 18.54
CA ASP A 419 -5.22 19.01 19.96
C ASP A 419 -4.62 17.62 20.20
N THR A 420 -5.32 16.58 19.77
CA THR A 420 -4.92 15.22 20.07
C THR A 420 -3.94 14.63 19.04
N LYS A 421 -3.80 15.32 17.91
CA LYS A 421 -2.97 14.85 16.79
C LYS A 421 -3.53 13.62 16.05
N GLN A 422 -4.77 13.26 16.34
CA GLN A 422 -5.43 12.20 15.60
C GLN A 422 -5.32 12.47 14.10
N LEU A 423 -4.87 11.48 13.33
CA LEU A 423 -4.94 11.61 11.89
C LEU A 423 -6.40 11.72 11.42
N LEU A 424 -6.67 12.69 10.54
CA LEU A 424 -8.05 12.96 10.09
C LEU A 424 -8.28 12.60 8.64
N GLY A 425 -7.23 12.67 7.82
CA GLY A 425 -7.37 12.44 6.38
C GLY A 425 -6.08 12.64 5.63
N GLY A 426 -6.08 12.25 4.36
CA GLY A 426 -4.93 12.41 3.50
C GLY A 426 -5.36 12.45 2.05
N GLN A 427 -4.56 13.14 1.23
CA GLN A 427 -4.73 13.20 -0.22
C GLN A 427 -3.36 12.92 -0.82
N VAL A 428 -3.32 12.05 -1.82
CA VAL A 428 -2.06 11.66 -2.42
C VAL A 428 -2.22 11.73 -3.95
N ILE A 429 -1.30 12.43 -4.61
CA ILE A 429 -1.31 12.55 -6.08
C ILE A 429 0.08 12.26 -6.65
N GLY A 430 0.15 11.48 -7.72
CA GLY A 430 1.41 11.23 -8.38
C GLY A 430 1.25 10.15 -9.41
N GLU A 431 2.34 9.70 -10.00
CA GLU A 431 2.26 8.71 -11.08
C GLU A 431 2.26 7.26 -10.64
N GLU A 432 3.00 6.90 -9.60
CA GLU A 432 3.06 5.51 -9.11
C GLU A 432 3.15 5.52 -7.61
N GLY A 433 2.70 4.43 -6.98
CA GLY A 433 2.79 4.30 -5.52
C GLY A 433 1.79 5.11 -4.73
N VAL A 434 0.80 5.70 -5.41
CA VAL A 434 -0.26 6.44 -4.76
C VAL A 434 -1.30 5.55 -4.03
N ASP A 435 -1.71 4.44 -4.65
CA ASP A 435 -2.66 3.51 -4.04
C ASP A 435 -2.13 2.88 -2.75
N LYS A 436 -0.82 2.60 -2.73
CA LYS A 436 -0.14 2.09 -1.55
C LYS A 436 -0.21 3.08 -0.39
N ARG A 437 0.06 4.35 -0.66
CA ARG A 437 0.02 5.34 0.39
C ARG A 437 -1.37 5.59 0.93
N ILE A 438 -2.36 5.71 0.04
CA ILE A 438 -3.71 5.92 0.51
C ILE A 438 -4.23 4.73 1.31
N ASP A 439 -3.84 3.51 0.96
CA ASP A 439 -4.27 2.35 1.74
C ASP A 439 -3.61 2.34 3.12
N VAL A 440 -2.33 2.71 3.21
CA VAL A 440 -1.70 2.86 4.51
C VAL A 440 -2.39 3.96 5.34
N ILE A 441 -2.69 5.10 4.73
CA ILE A 441 -3.43 6.17 5.42
C ILE A 441 -4.82 5.71 5.87
N ALA A 442 -5.50 4.92 5.03
CA ALA A 442 -6.84 4.42 5.34
C ALA A 442 -6.76 3.53 6.58
N MSE A 443 -5.75 2.68 6.63
CA MSE A 443 -5.52 1.80 7.79
C MSE A 443 -5.25 2.60 9.04
O MSE A 443 -5.73 2.27 10.12
CB MSE A 443 -4.30 0.92 7.53
CG MSE A 443 -4.55 -0.16 6.50
SE MSE A 443 -5.77 -1.53 7.27
CE MSE A 443 -4.57 -2.26 8.62
N ALA A 444 -4.45 3.66 8.92
CA ALA A 444 -4.22 4.51 10.06
C ALA A 444 -5.49 5.16 10.57
N LEU A 445 -6.27 5.76 9.67
CA LEU A 445 -7.56 6.32 10.04
C LEU A 445 -8.50 5.29 10.69
N PHE A 446 -8.57 4.12 10.10
CA PHE A 446 -9.43 3.08 10.66
C PHE A 446 -9.07 2.78 12.13
N ASN A 447 -7.77 2.75 12.42
CA ASN A 447 -7.31 2.46 13.75
C ASN A 447 -7.23 3.68 14.65
N LYS A 448 -7.75 4.80 14.21
CA LYS A 448 -7.70 6.05 15.01
C LYS A 448 -6.29 6.43 15.52
N MSE A 449 -5.28 6.31 14.67
CA MSE A 449 -3.90 6.58 15.05
C MSE A 449 -3.60 8.09 15.12
O MSE A 449 -4.18 8.87 14.38
CB MSE A 449 -2.94 5.91 14.08
CG MSE A 449 -2.96 4.38 14.10
SE MSE A 449 -1.63 3.69 12.82
CE MSE A 449 0.02 4.01 13.82
N SER A 450 -2.71 8.47 16.03
CA SER A 450 -2.09 9.78 16.02
C SER A 450 -1.10 9.88 14.87
N ILE A 451 -0.97 11.05 14.29
CA ILE A 451 -0.07 11.24 13.16
C ILE A 451 1.37 10.81 13.47
N HIS A 452 1.86 11.08 14.67
CA HIS A 452 3.25 10.76 14.98
C HIS A 452 3.54 9.28 15.16
N ASP A 453 2.50 8.49 15.38
CA ASP A 453 2.66 7.05 15.54
C ASP A 453 3.04 6.38 14.22
N LEU A 454 2.67 7.03 13.11
CA LEU A 454 3.08 6.60 11.79
C LEU A 454 4.58 6.47 11.65
N GLU A 455 5.34 7.35 12.32
CA GLU A 455 6.80 7.25 12.37
C GLU A 455 7.32 5.91 12.87
N ASP A 456 6.50 5.20 13.64
CA ASP A 456 6.92 3.95 14.31
C ASP A 456 6.52 2.67 13.61
N VAL A 457 5.80 2.78 12.51
CA VAL A 457 5.36 1.56 11.84
C VAL A 457 6.49 1.02 10.96
N ASP A 458 6.70 -0.31 11.00
CA ASP A 458 7.75 -0.97 10.23
C ASP A 458 7.17 -1.26 8.83
N LEU A 459 7.06 -0.21 8.03
CA LEU A 459 6.64 -0.35 6.66
C LEU A 459 7.82 -0.87 5.83
N SER A 460 7.50 -1.49 4.70
CA SER A 460 8.51 -2.08 3.84
C SER A 460 9.38 -1.06 3.13
N TYR A 461 10.66 -1.41 2.98
CA TYR A 461 11.60 -0.63 2.17
C TYR A 461 12.66 -1.49 1.43
N ALA A 462 12.70 -1.28 0.11
CA ALA A 462 13.84 -1.60 -0.74
C ALA A 462 13.86 -0.49 -1.79
N PRO A 463 15.03 -0.22 -2.41
CA PRO A 463 15.12 0.90 -3.37
C PRO A 463 14.07 0.96 -4.52
N PRO A 464 13.68 -0.19 -5.11
CA PRO A 464 12.65 -0.11 -6.16
C PRO A 464 11.22 0.25 -5.68
N TYR A 465 10.98 0.35 -4.36
CA TYR A 465 9.60 0.48 -3.84
C TYR A 465 9.33 1.71 -3.00
N ASN A 466 10.35 2.22 -2.33
CA ASN A 466 10.11 3.27 -1.35
C ASN A 466 11.44 3.95 -1.02
N SER A 467 11.40 4.96 -0.14
CA SER A 467 12.57 5.48 0.56
C SER A 467 12.61 4.89 1.97
N VAL A 468 13.75 5.04 2.64
CA VAL A 468 13.91 4.42 3.97
C VAL A 468 12.89 4.92 4.96
N TRP A 469 12.51 6.19 4.86
CA TRP A 469 11.28 6.73 5.48
C TRP A 469 10.27 6.95 4.37
N ASP A 470 9.11 6.32 4.50
CA ASP A 470 8.00 6.53 3.56
C ASP A 470 7.58 7.99 3.61
N PRO A 471 7.12 8.57 2.49
CA PRO A 471 6.56 9.93 2.45
C PRO A 471 5.53 10.21 3.53
N ILE A 472 4.68 9.23 3.86
CA ILE A 472 3.72 9.41 4.96
C ILE A 472 4.45 9.71 6.26
N GLN A 473 5.57 9.02 6.51
CA GLN A 473 6.32 9.17 7.75
C GLN A 473 7.10 10.47 7.74
N GLN A 474 7.66 10.85 6.58
CA GLN A 474 8.33 12.15 6.52
CA GLN A 474 8.32 12.16 6.37
C GLN A 474 7.35 13.30 6.75
N ALA A 475 6.12 13.20 6.24
CA ALA A 475 5.08 14.19 6.53
C ALA A 475 4.69 14.15 7.99
N ALA A 476 4.49 12.96 8.54
CA ALA A 476 4.21 12.85 9.96
C ALA A 476 5.23 13.57 10.83
N ARG A 477 6.51 13.45 10.48
CA ARG A 477 7.58 14.05 11.27
C ARG A 477 7.49 15.60 11.25
N ARG A 478 6.91 16.16 10.19
CA ARG A 478 6.83 17.64 10.04
C ARG A 478 5.66 18.23 10.81
N ALA A 479 4.74 17.38 11.24
CA ALA A 479 3.59 17.80 12.01
C ALA A 479 3.96 18.29 13.41
N GLU A 480 3.16 19.20 13.94
CA GLU A 480 3.35 19.68 15.31
C GLU A 480 2.92 18.62 16.35
N MSE B 37 26.02 16.88 27.34
CA MSE B 37 26.78 17.90 26.54
C MSE B 37 27.94 17.38 25.67
O MSE B 37 28.05 17.81 24.53
CB MSE B 37 27.27 19.05 27.40
CG MSE B 37 27.60 20.23 26.53
SE MSE B 37 28.66 21.67 27.37
CE MSE B 37 27.26 22.51 28.51
N ASN B 38 28.81 16.52 26.19
CA ASN B 38 29.69 15.73 25.32
C ASN B 38 29.06 14.41 24.91
N TYR B 39 28.66 14.34 23.64
CA TYR B 39 28.11 13.12 23.09
C TYR B 39 29.12 12.50 22.15
N VAL B 40 29.35 11.21 22.30
CA VAL B 40 30.22 10.46 21.39
C VAL B 40 29.38 9.37 20.72
N ILE B 41 29.52 9.21 19.41
CA ILE B 41 28.75 8.24 18.64
C ILE B 41 29.76 7.39 17.86
N ILE B 42 29.70 6.06 17.96
CA ILE B 42 30.61 5.23 17.18
C ILE B 42 29.82 4.62 16.02
N GLY B 43 30.25 4.89 14.79
CA GLY B 43 29.55 4.52 13.58
C GLY B 43 28.98 5.72 12.89
N GLY B 44 29.31 5.87 11.63
CA GLY B 44 28.98 7.07 10.87
C GLY B 44 27.93 6.87 9.81
N ASP B 45 26.90 6.05 10.09
CA ASP B 45 25.90 5.75 9.05
C ASP B 45 24.47 5.92 9.54
N ALA B 46 23.57 5.01 9.16
CA ALA B 46 22.12 5.26 9.34
C ALA B 46 21.77 5.58 10.78
N ALA B 47 22.16 4.70 11.69
CA ALA B 47 21.79 4.83 13.08
C ALA B 47 22.55 5.94 13.78
N GLY B 48 23.86 6.05 13.53
CA GLY B 48 24.69 6.97 14.27
C GLY B 48 24.35 8.39 13.89
N MSE B 49 24.19 8.63 12.60
CA MSE B 49 23.93 9.98 12.14
C MSE B 49 22.46 10.38 12.28
O MSE B 49 22.15 11.55 12.41
CB MSE B 49 24.43 10.17 10.71
CG MSE B 49 25.93 9.89 10.53
SE MSE B 49 27.09 10.47 12.03
CE MSE B 49 27.16 12.39 11.63
N SER B 50 21.54 9.41 12.30
CA SER B 50 20.17 9.74 12.70
C SER B 50 20.17 10.28 14.13
N ALA B 51 21.03 9.72 14.98
CA ALA B 51 21.13 10.16 16.37
C ALA B 51 21.76 11.53 16.43
N ALA B 52 22.85 11.70 15.69
CA ALA B 52 23.61 12.97 15.66
C ALA B 52 22.71 14.13 15.28
N MSE B 53 21.89 13.95 14.24
CA MSE B 53 20.99 14.99 13.76
C MSE B 53 19.97 15.43 14.80
O MSE B 53 19.71 16.63 14.96
CB MSE B 53 20.30 14.57 12.47
CG MSE B 53 21.27 14.40 11.29
SE MSE B 53 22.43 16.01 11.06
CE MSE B 53 21.02 17.36 10.95
N GLN B 54 19.40 14.47 15.53
CA GLN B 54 18.52 14.77 16.63
C GLN B 54 19.20 15.59 17.71
N ILE B 55 20.42 15.21 18.10
CA ILE B 55 21.13 15.92 19.18
C ILE B 55 21.41 17.37 18.76
N VAL B 56 21.92 17.51 17.55
CA VAL B 56 22.31 18.78 16.96
C VAL B 56 21.11 19.70 16.81
N ARG B 57 19.96 19.15 16.42
CA ARG B 57 18.78 19.96 16.26
C ARG B 57 18.13 20.38 17.58
N ASN B 58 18.34 19.62 18.64
CA ASN B 58 17.57 19.82 19.88
C ASN B 58 18.40 20.21 21.09
N ASP B 59 19.71 20.32 20.90
CA ASP B 59 20.63 20.79 21.95
C ASP B 59 21.73 21.64 21.33
N GLU B 60 21.60 22.95 21.49
CA GLU B 60 22.52 23.90 20.86
C GLU B 60 23.89 23.93 21.55
N ASN B 61 23.91 23.50 22.82
CA ASN B 61 25.17 23.40 23.58
C ASN B 61 26.01 22.14 23.30
N ALA B 62 25.46 21.21 22.53
CA ALA B 62 25.98 19.86 22.43
C ALA B 62 27.32 19.81 21.71
N ASN B 63 28.27 19.08 22.28
CA ASN B 63 29.50 18.79 21.58
C ASN B 63 29.47 17.35 21.07
N VAL B 64 29.21 17.19 19.77
CA VAL B 64 29.05 15.87 19.16
C VAL B 64 30.28 15.44 18.40
N VAL B 65 30.87 14.33 18.83
CA VAL B 65 32.01 13.75 18.15
C VAL B 65 31.49 12.43 17.58
N THR B 66 31.67 12.22 16.28
CA THR B 66 31.29 10.94 15.69
C THR B 66 32.55 10.20 15.22
N LEU B 67 32.60 8.89 15.43
CA LEU B 67 33.78 8.12 15.09
C LEU B 67 33.46 7.05 14.06
N GLU B 68 34.01 7.23 12.87
CA GLU B 68 33.77 6.31 11.77
C GLU B 68 35.10 5.71 11.29
N LYS B 69 35.12 4.39 11.16
CA LYS B 69 36.29 3.62 10.76
C LYS B 69 36.75 3.86 9.31
N GLY B 70 35.79 3.94 8.39
CA GLY B 70 36.11 4.16 6.98
C GLY B 70 36.15 5.64 6.67
N GLU B 71 35.99 5.96 5.39
CA GLU B 71 36.09 7.35 4.93
C GLU B 71 34.76 7.90 4.46
N ILE B 72 33.71 7.07 4.51
CA ILE B 72 32.41 7.50 3.98
C ILE B 72 31.31 7.44 5.04
N TYR B 73 30.75 8.61 5.35
CA TYR B 73 29.54 8.77 6.18
C TYR B 73 28.26 8.61 5.37
N SER B 74 27.16 8.27 6.07
CA SER B 74 25.78 8.31 5.54
C SER B 74 25.59 7.97 4.06
N TYR B 75 25.66 6.70 3.72
CA TYR B 75 25.42 6.27 2.36
C TYR B 75 24.42 5.13 2.42
N ALA B 76 23.76 4.88 1.31
CA ALA B 76 22.72 3.87 1.24
C ALA B 76 23.30 2.54 0.80
N GLN B 77 23.66 1.69 1.75
CA GLN B 77 24.10 0.32 1.44
C GLN B 77 23.13 -0.43 0.51
N CYS B 78 21.84 -0.11 0.65
CA CYS B 78 20.79 -0.76 -0.13
CA CYS B 78 20.77 -0.74 -0.12
C CYS B 78 20.89 -0.54 -1.62
N GLY B 79 21.53 0.58 -2.01
CA GLY B 79 21.72 0.93 -3.43
C GLY B 79 22.87 0.20 -4.09
N LEU B 80 23.74 -0.40 -3.29
CA LEU B 80 24.92 -1.14 -3.77
C LEU B 80 24.65 -2.12 -4.91
N PRO B 81 23.69 -3.05 -4.76
CA PRO B 81 23.46 -3.98 -5.87
C PRO B 81 23.02 -3.32 -7.17
N TYR B 82 22.49 -2.09 -7.08
CA TYR B 82 21.96 -1.39 -8.23
C TYR B 82 23.00 -0.49 -8.87
N VAL B 83 24.02 -0.13 -8.10
CA VAL B 83 25.21 0.46 -8.71
C VAL B 83 25.95 -0.63 -9.48
N ILE B 84 26.10 -1.81 -8.88
CA ILE B 84 26.82 -2.89 -9.56
C ILE B 84 26.15 -3.32 -10.89
N SER B 85 24.81 -3.31 -10.92
CA SER B 85 24.08 -3.66 -12.13
C SER B 85 24.12 -2.55 -13.15
N GLY B 86 24.55 -1.36 -12.75
CA GLY B 86 24.57 -0.23 -13.67
C GLY B 86 23.30 0.61 -13.66
N ALA B 87 22.25 0.13 -12.96
CA ALA B 87 20.99 0.88 -12.83
C ALA B 87 21.18 2.25 -12.18
N ILE B 88 22.17 2.38 -11.31
CA ILE B 88 22.50 3.67 -10.69
C ILE B 88 23.87 4.04 -11.20
N ALA B 89 24.08 5.33 -11.52
CA ALA B 89 25.28 5.77 -12.24
C ALA B 89 26.60 5.43 -11.55
N SER B 90 26.67 5.67 -10.24
CA SER B 90 27.89 5.46 -9.47
C SER B 90 27.57 5.44 -7.99
N THR B 91 28.53 4.99 -7.19
CA THR B 91 28.37 4.88 -5.76
C THR B 91 28.20 6.26 -5.10
N GLU B 92 28.72 7.29 -5.73
CA GLU B 92 28.60 8.65 -5.18
C GLU B 92 27.13 9.06 -5.06
N LYS B 93 26.28 8.41 -5.86
CA LYS B 93 24.85 8.71 -5.85
C LYS B 93 24.19 8.20 -4.58
N LEU B 94 24.85 7.26 -3.90
CA LEU B 94 24.30 6.66 -2.70
C LEU B 94 24.57 7.45 -1.45
N ILE B 95 25.40 8.49 -1.55
CA ILE B 95 25.74 9.31 -0.38
C ILE B 95 24.62 10.28 -0.02
N ALA B 96 24.09 10.18 1.19
CA ALA B 96 22.95 10.98 1.61
C ALA B 96 23.37 12.31 2.23
N ARG B 97 24.49 12.33 2.93
CA ARG B 97 25.02 13.57 3.52
C ARG B 97 26.51 13.36 3.69
N ASN B 98 27.33 14.29 3.21
CA ASN B 98 28.76 14.06 3.39
C ASN B 98 29.32 14.66 4.65
N VAL B 99 30.52 14.21 4.98
CA VAL B 99 31.20 14.57 6.21
C VAL B 99 31.43 16.09 6.31
N LYS B 100 31.65 16.73 5.16
CA LYS B 100 31.75 18.17 5.06
C LYS B 100 30.48 18.90 5.50
N THR B 101 29.31 18.41 5.10
CA THR B 101 28.04 18.97 5.57
C THR B 101 27.85 18.76 7.08
N PHE B 102 28.13 17.56 7.55
CA PHE B 102 28.06 17.26 8.97
C PHE B 102 28.92 18.21 9.80
N ARG B 103 30.15 18.46 9.34
CA ARG B 103 31.08 19.37 10.00
C ARG B 103 30.71 20.84 9.85
N ASP B 104 30.62 21.30 8.60
CA ASP B 104 30.43 22.72 8.30
C ASP B 104 29.05 23.24 8.60
N LYS B 105 28.01 22.45 8.28
CA LYS B 105 26.66 22.93 8.47
C LYS B 105 26.13 22.67 9.88
N TYR B 106 26.49 21.53 10.46
CA TYR B 106 25.85 21.07 11.71
C TYR B 106 26.76 21.10 12.92
N GLY B 107 28.03 21.47 12.72
CA GLY B 107 28.99 21.62 13.82
C GLY B 107 29.36 20.32 14.49
N ILE B 108 29.10 19.21 13.83
CA ILE B 108 29.52 17.92 14.37
C ILE B 108 31.02 17.73 14.11
N ASP B 109 31.73 17.21 15.10
CA ASP B 109 33.12 16.83 14.92
C ASP B 109 33.18 15.38 14.39
N ALA B 110 32.95 15.24 13.09
CA ALA B 110 32.89 13.93 12.45
C ALA B 110 34.28 13.46 12.01
N LYS B 111 34.75 12.34 12.57
CA LYS B 111 36.07 11.78 12.24
C LYS B 111 35.95 10.63 11.26
N VAL B 112 36.88 10.55 10.32
CA VAL B 112 36.95 9.41 9.41
C VAL B 112 38.22 8.66 9.76
N ARG B 113 38.36 7.42 9.31
CA ARG B 113 39.55 6.65 9.64
C ARG B 113 39.86 6.55 11.13
N HIS B 114 38.84 6.60 11.97
CA HIS B 114 38.98 6.36 13.41
C HIS B 114 38.25 5.09 13.78
N GLU B 115 39.01 4.04 14.06
CA GLU B 115 38.42 2.81 14.56
C GLU B 115 38.53 2.73 16.08
N VAL B 116 37.39 2.62 16.74
CA VAL B 116 37.34 2.46 18.18
C VAL B 116 37.77 1.04 18.54
N THR B 117 38.69 0.93 19.48
CA THR B 117 39.26 -0.36 19.84
C THR B 117 38.89 -0.74 21.26
N LYS B 118 38.50 0.25 22.06
CA LYS B 118 38.21 0.04 23.47
C LYS B 118 37.29 1.12 24.02
N VAL B 119 36.35 0.73 24.87
CA VAL B 119 35.61 1.71 25.67
C VAL B 119 35.79 1.45 27.16
N ASP B 120 36.14 2.49 27.90
CA ASP B 120 36.17 2.44 29.36
C ASP B 120 34.93 3.12 29.88
N THR B 121 33.96 2.32 30.36
CA THR B 121 32.65 2.83 30.75
C THR B 121 32.64 3.45 32.14
N GLU B 122 33.67 3.18 32.95
CA GLU B 122 33.83 3.83 34.27
C GLU B 122 34.48 5.20 34.13
N LYS B 123 35.58 5.28 33.37
CA LYS B 123 36.22 6.57 33.13
C LYS B 123 35.48 7.36 32.06
N LYS B 124 34.56 6.70 31.34
CA LYS B 124 33.84 7.35 30.24
C LYS B 124 34.78 7.90 29.16
N ILE B 125 35.63 7.01 28.66
CA ILE B 125 36.59 7.33 27.63
C ILE B 125 36.50 6.31 26.50
N VAL B 126 36.46 6.83 25.28
CA VAL B 126 36.51 5.98 24.09
C VAL B 126 37.90 6.07 23.45
N TYR B 127 38.51 4.93 23.17
CA TYR B 127 39.83 4.93 22.53
C TYR B 127 39.72 4.50 21.05
N ALA B 128 40.22 5.35 20.17
CA ALA B 128 40.20 5.10 18.75
C ALA B 128 41.61 5.13 18.15
N GLU B 129 41.83 4.24 17.19
CA GLU B 129 43.06 4.11 16.47
C GLU B 129 42.86 4.81 15.12
N HIS B 130 43.81 5.64 14.69
CA HIS B 130 43.78 6.08 13.30
C HIS B 130 44.14 4.88 12.41
N THR B 131 43.31 4.57 11.42
CA THR B 131 43.47 3.34 10.64
C THR B 131 44.70 3.35 9.72
N LYS B 132 45.22 4.53 9.42
CA LYS B 132 46.45 4.62 8.63
C LYS B 132 47.69 4.75 9.54
N THR B 133 47.78 5.84 10.29
CA THR B 133 48.92 6.10 11.16
C THR B 133 48.99 5.18 12.38
N LYS B 134 47.83 4.69 12.82
CA LYS B 134 47.69 3.80 13.98
C LYS B 134 47.90 4.50 15.31
N ASP B 135 48.01 5.83 15.26
CA ASP B 135 48.05 6.68 16.44
C ASP B 135 46.76 6.53 17.19
N VAL B 136 46.85 6.54 18.52
CA VAL B 136 45.70 6.32 19.39
C VAL B 136 45.16 7.64 19.87
N PHE B 137 43.85 7.81 19.77
CA PHE B 137 43.17 8.99 20.31
C PHE B 137 42.14 8.56 21.34
N GLU B 138 41.85 9.46 22.28
CA GLU B 138 40.85 9.19 23.27
C GLU B 138 39.81 10.29 23.30
N PHE B 139 38.57 9.91 23.60
CA PHE B 139 37.47 10.84 23.54
C PHE B 139 36.65 10.67 24.77
N SER B 140 36.49 11.75 25.51
CA SER B 140 35.71 11.73 26.72
C SER B 140 34.23 11.88 26.38
N TYR B 141 33.37 11.11 27.04
CA TYR B 141 31.92 11.24 26.81
C TYR B 141 31.09 11.48 28.07
N ASP B 142 30.00 12.20 27.90
CA ASP B 142 28.94 12.21 28.89
C ASP B 142 27.90 11.12 28.55
N ARG B 143 27.52 11.05 27.27
CA ARG B 143 26.70 9.91 26.78
C ARG B 143 27.30 9.34 25.51
N LEU B 144 27.23 8.02 25.39
CA LEU B 144 27.86 7.32 24.26
C LEU B 144 26.82 6.51 23.54
N LEU B 145 26.90 6.50 22.21
CA LEU B 145 26.05 5.65 21.37
C LEU B 145 26.93 4.71 20.59
N ILE B 146 26.61 3.42 20.67
CA ILE B 146 27.27 2.43 19.82
C ILE B 146 26.35 2.19 18.62
N ALA B 147 26.85 2.49 17.42
CA ALA B 147 26.05 2.43 16.17
C ALA B 147 26.90 1.85 15.05
N THR B 148 27.52 0.69 15.34
CA THR B 148 28.57 0.11 14.51
C THR B 148 28.09 -1.00 13.56
N GLY B 149 26.78 -1.24 13.52
CA GLY B 149 26.18 -2.10 12.50
C GLY B 149 26.69 -3.51 12.62
N VAL B 150 26.54 -4.28 11.53
CA VAL B 150 27.04 -5.65 11.41
C VAL B 150 28.05 -5.72 10.28
N ARG B 151 28.78 -6.82 10.21
CA ARG B 151 29.69 -7.10 9.11
C ARG B 151 29.31 -8.44 8.47
N PRO B 152 29.48 -8.57 7.12
CA PRO B 152 29.23 -9.87 6.51
C PRO B 152 30.25 -10.89 6.99
N VAL B 153 29.82 -12.13 7.18
CA VAL B 153 30.70 -13.16 7.71
C VAL B 153 31.38 -13.93 6.57
N MSE B 154 32.70 -14.14 6.70
CA MSE B 154 33.46 -15.00 5.79
C MSE B 154 33.90 -16.27 6.51
O MSE B 154 34.88 -16.22 7.28
CB MSE B 154 34.68 -14.28 5.20
CG MSE B 154 35.49 -15.13 4.22
SE MSE B 154 34.60 -15.62 2.49
CE MSE B 154 34.98 -13.98 1.48
N PRO B 155 33.21 -17.40 6.28
CA PRO B 155 33.61 -18.64 6.95
C PRO B 155 35.04 -19.01 6.60
N GLU B 156 35.62 -19.85 7.44
CA GLU B 156 37.03 -20.21 7.37
C GLU B 156 37.30 -21.27 6.28
N TRP B 157 37.03 -20.92 5.02
CA TRP B 157 37.20 -21.82 3.88
C TRP B 157 38.54 -21.61 3.21
N GLU B 158 39.16 -22.70 2.81
CA GLU B 158 40.34 -22.61 1.95
C GLU B 158 39.96 -21.79 0.73
N GLY B 159 40.84 -20.88 0.34
CA GLY B 159 40.61 -20.00 -0.79
C GLY B 159 39.87 -18.70 -0.49
N ARG B 160 39.41 -18.52 0.75
CA ARG B 160 38.72 -17.27 1.22
C ARG B 160 39.28 -16.01 0.58
N ASP B 161 40.61 -16.01 0.47
CA ASP B 161 41.32 -14.78 0.11
CA ASP B 161 41.47 -14.88 0.14
C ASP B 161 41.70 -14.68 -1.36
N LEU B 162 41.34 -15.68 -2.15
CA LEU B 162 41.59 -15.62 -3.58
C LEU B 162 40.99 -14.38 -4.20
N GLN B 163 41.69 -13.73 -5.12
CA GLN B 163 41.12 -12.61 -5.87
C GLN B 163 39.84 -13.00 -6.58
N GLY B 164 38.80 -12.19 -6.43
CA GLY B 164 37.50 -12.43 -7.04
C GLY B 164 36.50 -13.09 -6.13
N VAL B 165 36.92 -13.44 -4.91
CA VAL B 165 36.02 -13.86 -3.82
C VAL B 165 35.62 -12.57 -3.06
N HIS B 166 34.32 -12.31 -2.93
CA HIS B 166 33.87 -11.01 -2.44
C HIS B 166 32.80 -11.09 -1.37
N LEU B 167 32.81 -10.10 -0.49
CA LEU B 167 31.70 -9.81 0.39
C LEU B 167 31.13 -8.49 -0.12
N LEU B 168 29.87 -8.21 0.20
CA LEU B 168 29.28 -6.93 -0.16
C LEU B 168 28.66 -6.21 1.05
N LYS B 169 29.25 -5.06 1.42
CA LYS B 169 28.69 -4.30 2.52
C LYS B 169 28.85 -2.82 2.29
N THR B 170 30.02 -2.43 1.79
CA THR B 170 30.43 -1.02 1.77
C THR B 170 30.60 -0.50 0.34
N ILE B 171 30.74 0.82 0.17
CA ILE B 171 31.06 1.29 -1.16
C ILE B 171 32.40 0.69 -1.71
N PRO B 172 33.51 0.75 -0.93
CA PRO B 172 34.71 0.05 -1.42
C PRO B 172 34.48 -1.41 -1.82
N ASP B 173 33.63 -2.13 -1.10
CA ASP B 173 33.25 -3.50 -1.46
C ASP B 173 32.65 -3.55 -2.86
N ALA B 174 31.80 -2.59 -3.20
CA ALA B 174 31.10 -2.59 -4.47
C ALA B 174 32.08 -2.26 -5.57
N GLU B 175 33.00 -1.35 -5.26
CA GLU B 175 34.04 -0.96 -6.21
C GLU B 175 35.01 -2.11 -6.53
N ARG B 176 35.37 -2.90 -5.52
CA ARG B 176 36.17 -4.10 -5.72
C ARG B 176 35.46 -5.15 -6.57
N ILE B 177 34.14 -5.21 -6.49
CA ILE B 177 33.37 -6.14 -7.33
C ILE B 177 33.36 -5.64 -8.77
N LEU B 178 33.22 -4.33 -8.92
CA LEU B 178 33.22 -3.74 -10.25
C LEU B 178 34.58 -3.88 -10.90
N LYS B 179 35.63 -3.69 -10.10
CA LYS B 179 37.01 -3.82 -10.54
C LYS B 179 37.27 -5.25 -11.05
N THR B 180 36.78 -6.25 -10.34
CA THR B 180 36.87 -7.64 -10.79
C THR B 180 36.14 -7.85 -12.13
N LEU B 181 34.95 -7.27 -12.25
CA LEU B 181 34.19 -7.36 -13.48
C LEU B 181 34.86 -6.61 -14.64
N GLU B 182 35.52 -5.49 -14.34
CA GLU B 182 36.16 -4.64 -15.34
C GLU B 182 37.43 -5.30 -15.89
N THR B 183 38.25 -5.81 -14.97
CA THR B 183 39.60 -6.25 -15.26
C THR B 183 39.71 -7.76 -15.50
N ASN B 184 38.58 -8.45 -15.49
CA ASN B 184 38.59 -9.88 -15.77
C ASN B 184 37.53 -10.30 -16.78
N LYS B 185 37.70 -11.49 -17.33
CA LYS B 185 36.67 -12.12 -18.13
C LYS B 185 35.85 -12.94 -17.17
N VAL B 186 34.77 -12.34 -16.68
CA VAL B 186 33.83 -13.00 -15.82
C VAL B 186 32.68 -13.52 -16.69
N GLU B 187 32.45 -14.82 -16.65
CA GLU B 187 31.24 -15.36 -17.23
C GLU B 187 30.44 -16.23 -16.27
N ASP B 188 31.11 -16.94 -15.37
CA ASP B 188 30.41 -17.77 -14.39
C ASP B 188 30.49 -17.14 -13.00
N VAL B 189 29.34 -16.92 -12.38
CA VAL B 189 29.26 -16.36 -11.03
C VAL B 189 28.58 -17.31 -10.06
N THR B 190 29.20 -17.50 -8.91
CA THR B 190 28.58 -18.28 -7.85
C THR B 190 28.32 -17.41 -6.62
N ILE B 191 27.09 -17.50 -6.11
CA ILE B 191 26.69 -16.82 -4.88
C ILE B 191 26.55 -17.85 -3.80
N ILE B 192 27.23 -17.67 -2.67
CA ILE B 192 27.02 -18.55 -1.53
C ILE B 192 26.03 -17.89 -0.58
N GLY B 193 24.92 -18.59 -0.31
CA GLY B 193 23.87 -18.07 0.54
C GLY B 193 22.78 -17.41 -0.27
N GLY B 194 21.61 -17.27 0.33
CA GLY B 194 20.53 -16.53 -0.32
C GLY B 194 20.16 -15.26 0.43
N GLY B 195 18.93 -15.24 0.91
CA GLY B 195 18.37 -14.06 1.53
C GLY B 195 18.32 -12.91 0.56
N ALA B 196 18.01 -11.72 1.09
CA ALA B 196 17.84 -10.54 0.29
C ALA B 196 19.05 -10.25 -0.57
N ILE B 197 20.23 -10.15 0.05
CA ILE B 197 21.43 -9.74 -0.69
C ILE B 197 21.77 -10.77 -1.78
N GLY B 198 21.69 -12.05 -1.46
CA GLY B 198 21.99 -13.09 -2.43
C GLY B 198 21.09 -13.04 -3.65
N LEU B 199 19.78 -12.91 -3.41
CA LEU B 199 18.79 -12.80 -4.48
C LEU B 199 18.93 -11.52 -5.32
N GLU B 200 19.15 -10.38 -4.68
CA GLU B 200 19.40 -9.13 -5.41
C GLU B 200 20.66 -9.20 -6.26
N MSE B 201 21.70 -9.79 -5.70
CA MSE B 201 22.95 -9.92 -6.43
C MSE B 201 22.87 -10.95 -7.56
O MSE B 201 23.54 -10.77 -8.55
CB MSE B 201 24.14 -10.18 -5.52
CG MSE B 201 24.54 -8.98 -4.71
SE MSE B 201 24.98 -7.44 -5.86
CE MSE B 201 26.71 -8.05 -6.57
N ALA B 202 22.06 -12.01 -7.39
CA ALA B 202 21.78 -12.94 -8.50
C ALA B 202 21.17 -12.20 -9.68
N GLU B 203 20.10 -11.45 -9.43
CA GLU B 203 19.52 -10.58 -10.44
C GLU B 203 20.57 -9.68 -11.06
N THR B 204 21.39 -9.02 -10.24
CA THR B 204 22.39 -8.07 -10.74
C THR B 204 23.37 -8.73 -11.75
N PHE B 205 23.83 -9.94 -11.43
CA PHE B 205 24.77 -10.66 -12.30
C PHE B 205 24.08 -11.22 -13.55
N VAL B 206 22.84 -11.66 -13.40
CA VAL B 206 22.02 -12.05 -14.55
C VAL B 206 21.90 -10.87 -15.52
N GLU B 207 21.62 -9.70 -14.99
CA GLU B 207 21.50 -8.52 -15.81
C GLU B 207 22.80 -8.07 -16.45
N LEU B 208 23.92 -8.45 -15.84
CA LEU B 208 25.24 -8.20 -16.42
C LEU B 208 25.60 -9.31 -17.40
N GLY B 209 24.65 -10.20 -17.64
CA GLY B 209 24.84 -11.22 -18.63
C GLY B 209 25.66 -12.41 -18.18
N LYS B 210 25.80 -12.63 -16.87
CA LYS B 210 26.59 -13.75 -16.39
C LYS B 210 25.72 -14.98 -16.23
N LYS B 211 26.36 -16.14 -16.16
CA LYS B 211 25.66 -17.38 -15.82
C LYS B 211 25.81 -17.56 -14.31
N VAL B 212 24.68 -17.54 -13.60
CA VAL B 212 24.67 -17.44 -12.15
C VAL B 212 24.25 -18.75 -11.50
N ARG B 213 25.05 -19.19 -10.54
CA ARG B 213 24.70 -20.28 -9.63
C ARG B 213 24.62 -19.75 -8.19
N MSE B 214 23.68 -20.26 -7.41
CA MSE B 214 23.69 -19.96 -5.99
C MSE B 214 23.56 -21.21 -5.17
O MSE B 214 22.82 -22.13 -5.52
CB MSE B 214 22.69 -18.88 -5.58
CG MSE B 214 21.28 -19.02 -6.05
SE MSE B 214 20.24 -17.31 -5.89
CE MSE B 214 20.80 -16.85 -4.04
N ILE B 215 24.35 -21.26 -4.10
CA ILE B 215 24.43 -22.43 -3.28
C ILE B 215 23.83 -22.04 -1.94
N GLU B 216 22.67 -22.60 -1.62
CA GLU B 216 21.90 -22.15 -0.47
C GLU B 216 22.17 -22.96 0.81
N ARG B 217 22.05 -22.28 1.95
CA ARG B 217 22.28 -22.86 3.26
C ARG B 217 20.98 -23.37 3.88
N ASN B 218 21.01 -24.61 4.36
CA ASN B 218 19.81 -25.28 4.88
C ASN B 218 19.41 -24.81 6.26
N ASP B 219 20.35 -24.20 6.99
CA ASP B 219 20.04 -23.53 8.25
C ASP B 219 19.12 -22.31 7.99
N HIS B 220 19.15 -21.81 6.75
CA HIS B 220 18.33 -20.66 6.35
C HIS B 220 17.00 -21.02 5.65
N ILE B 221 16.68 -22.31 5.59
CA ILE B 221 15.40 -22.75 5.01
C ILE B 221 14.23 -22.47 5.98
N GLY B 222 13.22 -21.75 5.48
CA GLY B 222 12.05 -21.36 6.26
C GLY B 222 12.23 -20.10 7.10
N THR B 223 13.44 -19.54 7.13
CA THR B 223 13.72 -18.40 8.01
C THR B 223 13.05 -17.11 7.53
N ILE B 224 12.90 -16.96 6.22
CA ILE B 224 12.26 -15.77 5.65
C ILE B 224 10.87 -16.11 5.09
N TYR B 225 10.82 -17.10 4.19
CA TYR B 225 9.58 -17.54 3.55
C TYR B 225 9.25 -18.98 3.91
N ASP B 226 7.97 -19.26 4.11
CA ASP B 226 7.51 -20.64 4.25
C ASP B 226 7.83 -21.36 2.94
N GLY B 227 7.81 -22.68 3.02
CA GLY B 227 8.22 -23.54 1.90
C GLY B 227 7.29 -23.43 0.74
N ASP B 228 6.01 -23.27 1.01
CA ASP B 228 5.03 -23.18 -0.07
C ASP B 228 5.14 -21.86 -0.84
N MSE B 229 5.70 -20.83 -0.19
CA MSE B 229 5.91 -19.53 -0.82
C MSE B 229 7.27 -19.45 -1.50
O MSE B 229 7.39 -18.84 -2.55
CB MSE B 229 5.78 -18.38 0.21
CG MSE B 229 4.41 -18.17 0.86
SE MSE B 229 2.95 -17.72 -0.39
CE MSE B 229 2.44 -19.56 -0.76
N ALA B 230 8.30 -20.02 -0.89
CA ALA B 230 9.64 -20.08 -1.48
C ALA B 230 9.65 -20.79 -2.86
N GLU B 231 8.68 -21.69 -3.06
CA GLU B 231 8.44 -22.34 -4.35
C GLU B 231 8.33 -21.36 -5.49
N TYR B 232 7.71 -20.20 -5.28
CA TYR B 232 7.58 -19.19 -6.34
C TYR B 232 8.92 -18.60 -6.66
N ILE B 233 9.80 -18.58 -5.65
CA ILE B 233 11.15 -18.05 -5.81
C ILE B 233 12.02 -19.02 -6.63
N TYR B 234 12.02 -20.29 -6.25
CA TYR B 234 12.70 -21.32 -7.02
C TYR B 234 12.24 -21.33 -8.49
N LYS B 235 10.92 -21.25 -8.71
CA LYS B 235 10.38 -21.18 -10.07
C LYS B 235 10.91 -19.99 -10.84
N GLU B 236 10.91 -18.82 -10.22
CA GLU B 236 11.39 -17.61 -10.91
C GLU B 236 12.89 -17.66 -11.23
N ALA B 237 13.67 -18.23 -10.31
CA ALA B 237 15.11 -18.40 -10.52
C ALA B 237 15.34 -19.31 -11.73
N ASP B 238 14.76 -20.50 -11.66
CA ASP B 238 14.82 -21.49 -12.72
C ASP B 238 14.43 -20.90 -14.06
N LYS B 239 13.37 -20.11 -14.10
CA LYS B 239 12.90 -19.46 -15.31
C LYS B 239 13.96 -18.57 -15.94
N HIS B 240 14.81 -17.96 -15.13
CA HIS B 240 15.82 -17.05 -15.66
C HIS B 240 17.22 -17.68 -15.70
N HIS B 241 17.25 -19.00 -15.54
CA HIS B 241 18.46 -19.80 -15.71
C HIS B 241 19.48 -19.56 -14.59
N ILE B 242 18.96 -19.35 -13.39
CA ILE B 242 19.79 -19.22 -12.19
C ILE B 242 19.74 -20.59 -11.54
N GLU B 243 20.89 -21.27 -11.50
CA GLU B 243 20.94 -22.61 -10.90
C GLU B 243 21.05 -22.51 -9.39
N ILE B 244 20.09 -23.10 -8.68
CA ILE B 244 20.10 -23.08 -7.23
C ILE B 244 20.43 -24.46 -6.71
N LEU B 245 21.50 -24.56 -5.93
CA LEU B 245 21.89 -25.82 -5.35
C LEU B 245 21.49 -25.88 -3.88
N THR B 246 20.71 -26.88 -3.53
CA THR B 246 20.15 -27.07 -2.21
C THR B 246 20.91 -28.20 -1.54
N ASN B 247 20.92 -28.21 -0.21
CA ASN B 247 21.53 -29.31 0.54
C ASN B 247 22.92 -29.75 0.04
N GLU B 248 23.79 -28.75 -0.10
CA GLU B 248 25.14 -28.92 -0.60
C GLU B 248 26.03 -27.97 0.20
N ASN B 249 27.16 -28.47 0.68
CA ASN B 249 28.04 -27.72 1.57
C ASN B 249 29.32 -27.28 0.88
N VAL B 250 29.61 -25.99 0.91
CA VAL B 250 30.86 -25.48 0.36
C VAL B 250 32.03 -26.02 1.18
N LYS B 251 33.16 -26.25 0.54
CA LYS B 251 34.36 -26.63 1.28
C LYS B 251 35.65 -25.90 0.90
N ALA B 252 35.74 -25.36 -0.30
CA ALA B 252 36.94 -24.61 -0.67
C ALA B 252 36.68 -23.78 -1.90
N PHE B 253 37.38 -22.68 -2.02
CA PHE B 253 37.42 -21.95 -3.27
C PHE B 253 38.76 -22.26 -3.91
N LYS B 254 38.72 -22.61 -5.19
CA LYS B 254 39.87 -23.17 -5.86
C LYS B 254 40.41 -22.17 -6.84
N GLY B 255 41.73 -22.17 -6.97
CA GLY B 255 42.41 -21.28 -7.90
C GLY B 255 43.85 -21.08 -7.53
N ASN B 256 44.60 -20.50 -8.46
CA ASN B 256 45.98 -20.10 -8.20
C ASN B 256 46.02 -18.75 -7.49
N GLU B 257 45.91 -17.69 -8.28
CA GLU B 257 45.89 -16.32 -7.78
C GLU B 257 44.45 -15.78 -7.68
N ARG B 258 43.58 -16.27 -8.55
CA ARG B 258 42.17 -15.90 -8.60
C ARG B 258 41.31 -17.13 -8.33
N VAL B 259 40.02 -16.93 -8.03
CA VAL B 259 39.09 -18.06 -8.00
C VAL B 259 38.91 -18.55 -9.41
N GLU B 260 38.69 -19.85 -9.53
CA GLU B 260 38.26 -20.40 -10.78
C GLU B 260 37.22 -21.49 -10.56
N ALA B 261 37.05 -21.91 -9.31
CA ALA B 261 36.07 -22.93 -8.99
C ALA B 261 35.64 -22.86 -7.54
N VAL B 262 34.46 -23.40 -7.28
CA VAL B 262 33.98 -23.61 -5.93
C VAL B 262 33.79 -25.10 -5.76
N GLU B 263 34.37 -25.65 -4.69
CA GLU B 263 34.23 -27.05 -4.37
C GLU B 263 33.22 -27.22 -3.25
N THR B 264 32.32 -28.19 -3.41
CA THR B 264 31.30 -28.46 -2.40
C THR B 264 31.41 -29.94 -2.06
N ASP B 265 30.61 -30.41 -1.11
CA ASP B 265 30.59 -31.85 -0.81
C ASP B 265 29.99 -32.74 -1.93
N LYS B 266 29.60 -32.13 -3.06
CA LYS B 266 28.96 -32.87 -4.15
C LYS B 266 29.46 -32.51 -5.54
N GLY B 267 30.47 -31.65 -5.63
CA GLY B 267 31.02 -31.31 -6.94
C GLY B 267 31.94 -30.11 -6.91
N THR B 268 32.48 -29.76 -8.07
CA THR B 268 33.35 -28.61 -8.20
C THR B 268 32.89 -27.88 -9.44
N TYR B 269 32.62 -26.59 -9.31
CA TYR B 269 32.00 -25.81 -10.39
C TYR B 269 32.81 -24.59 -10.73
N LYS B 270 32.99 -24.33 -12.03
CA LYS B 270 33.69 -23.14 -12.49
C LYS B 270 33.01 -21.86 -12.00
N ALA B 271 33.81 -20.93 -11.52
CA ALA B 271 33.32 -19.63 -11.06
C ALA B 271 34.46 -18.65 -11.25
N ASP B 272 34.17 -17.50 -11.82
CA ASP B 272 35.19 -16.49 -12.05
C ASP B 272 35.07 -15.34 -11.05
N LEU B 273 34.03 -15.41 -10.21
CA LEU B 273 33.67 -14.37 -9.22
C LEU B 273 32.75 -15.08 -8.26
N VAL B 274 33.06 -15.00 -6.97
CA VAL B 274 32.24 -15.63 -5.95
C VAL B 274 31.75 -14.53 -5.01
N LEU B 275 30.44 -14.44 -4.80
CA LEU B 275 29.92 -13.55 -3.77
C LEU B 275 29.48 -14.37 -2.58
N VAL B 276 30.05 -14.07 -1.43
CA VAL B 276 29.65 -14.76 -0.19
C VAL B 276 28.66 -13.94 0.61
N SER B 277 27.47 -14.50 0.82
CA SER B 277 26.42 -13.82 1.54
C SER B 277 25.70 -14.80 2.45
N VAL B 278 26.38 -15.19 3.52
CA VAL B 278 25.92 -16.29 4.38
C VAL B 278 25.55 -15.86 5.80
N GLY B 279 25.68 -14.58 6.13
CA GLY B 279 25.34 -14.17 7.48
C GLY B 279 26.11 -12.93 7.86
N VAL B 280 25.67 -12.32 8.96
CA VAL B 280 26.27 -11.07 9.44
C VAL B 280 26.61 -11.20 10.92
N LYS B 281 27.53 -10.39 11.40
CA LYS B 281 27.89 -10.44 12.80
C LYS B 281 27.94 -9.01 13.33
N PRO B 282 27.26 -8.75 14.46
CA PRO B 282 27.37 -7.39 15.02
C PRO B 282 28.81 -6.95 15.27
N ASN B 283 29.12 -5.70 14.92
CA ASN B 283 30.45 -5.17 15.13
C ASN B 283 30.62 -4.75 16.57
N THR B 284 30.63 -5.72 17.48
CA THR B 284 30.63 -5.43 18.92
C THR B 284 31.77 -6.08 19.68
N ASP B 285 32.69 -6.70 18.95
CA ASP B 285 33.85 -7.42 19.48
CA ASP B 285 33.74 -7.42 19.64
C ASP B 285 34.69 -6.52 20.41
N PHE B 286 34.87 -5.28 20.00
CA PHE B 286 35.68 -4.31 20.75
C PHE B 286 35.19 -4.00 22.17
N LEU B 287 33.93 -4.33 22.45
CA LEU B 287 33.32 -4.05 23.74
C LEU B 287 33.58 -5.13 24.79
N GLU B 288 34.27 -6.19 24.38
CA GLU B 288 34.62 -7.24 25.32
C GLU B 288 35.34 -6.60 26.51
N GLY B 289 34.90 -6.95 27.71
CA GLY B 289 35.39 -6.36 28.95
C GLY B 289 34.63 -5.17 29.51
N THR B 290 33.56 -4.72 28.85
CA THR B 290 32.81 -3.55 29.32
C THR B 290 31.60 -3.90 30.19
N ASN B 291 31.19 -5.16 30.16
CA ASN B 291 29.95 -5.54 30.86
C ASN B 291 28.65 -5.15 30.12
N ILE B 292 28.77 -4.55 28.94
CA ILE B 292 27.58 -4.23 28.13
C ILE B 292 26.99 -5.56 27.65
N ARG B 293 25.73 -5.82 28.01
CA ARG B 293 25.10 -7.10 27.67
C ARG B 293 24.75 -7.24 26.21
N THR B 294 24.89 -8.48 25.73
CA THR B 294 24.85 -8.80 24.33
C THR B 294 23.99 -10.09 24.25
N ASN B 295 23.23 -10.28 23.17
CA ASN B 295 22.55 -11.57 22.97
C ASN B 295 23.57 -12.60 22.47
N HIS B 296 23.13 -13.82 22.20
CA HIS B 296 24.05 -14.87 21.77
C HIS B 296 24.89 -14.54 20.51
N LYS B 297 24.33 -13.78 19.57
CA LYS B 297 25.08 -13.46 18.35
C LYS B 297 25.90 -12.19 18.48
N GLY B 298 25.83 -11.55 19.64
CA GLY B 298 26.70 -10.41 19.88
C GLY B 298 26.01 -9.07 19.72
N ALA B 299 24.70 -9.08 19.47
CA ALA B 299 23.94 -7.83 19.34
C ALA B 299 23.67 -7.23 20.71
N ILE B 300 23.87 -5.93 20.84
CA ILE B 300 23.72 -5.26 22.13
C ILE B 300 22.25 -5.11 22.62
N GLU B 301 21.95 -5.57 23.83
CA GLU B 301 20.59 -5.44 24.32
C GLU B 301 20.31 -4.00 24.67
N VAL B 302 19.13 -3.54 24.26
CA VAL B 302 18.62 -2.21 24.55
C VAL B 302 17.22 -2.35 25.13
N ASN B 303 16.92 -1.49 26.11
CA ASN B 303 15.57 -1.34 26.60
C ASN B 303 14.78 -0.39 25.69
N ALA B 304 13.61 0.04 26.17
CA ALA B 304 12.64 0.77 25.35
C ALA B 304 13.24 2.05 24.83
N TYR B 305 14.23 2.51 25.54
CA TYR B 305 14.78 3.88 25.34
C TYR B 305 16.18 3.85 24.73
N MSE B 306 16.55 2.71 24.13
CA MSE B 306 17.85 2.53 23.45
C MSE B 306 19.03 2.48 24.39
O MSE B 306 20.18 2.64 23.96
CB MSE B 306 18.06 3.54 22.32
CG MSE B 306 16.83 3.71 21.41
SE MSE B 306 16.54 2.01 20.39
CE MSE B 306 15.27 1.05 21.54
N GLN B 307 18.77 2.21 25.67
CA GLN B 307 19.80 2.17 26.70
C GLN B 307 20.31 0.77 26.90
N THR B 308 21.63 0.64 27.05
CA THR B 308 22.24 -0.62 27.46
C THR B 308 22.11 -0.80 28.97
N ASN B 309 22.64 -1.88 29.53
CA ASN B 309 22.60 -2.04 30.96
C ASN B 309 23.62 -1.15 31.67
N VAL B 310 24.46 -0.47 30.88
CA VAL B 310 25.57 0.30 31.43
C VAL B 310 25.19 1.78 31.34
N GLN B 311 25.23 2.43 32.50
CA GLN B 311 24.87 3.83 32.62
C GLN B 311 25.47 4.73 31.53
N ASP B 312 24.62 5.55 30.92
CA ASP B 312 24.96 6.51 29.83
C ASP B 312 25.53 5.95 28.53
N VAL B 313 25.41 4.64 28.34
CA VAL B 313 25.78 4.00 27.08
C VAL B 313 24.50 3.52 26.40
N TYR B 314 24.37 3.87 25.12
CA TYR B 314 23.19 3.54 24.29
C TYR B 314 23.63 2.69 23.09
N ALA B 315 22.68 2.09 22.37
CA ALA B 315 22.99 1.40 21.12
C ALA B 315 21.77 1.48 20.20
N ALA B 316 21.97 1.31 18.89
CA ALA B 316 20.94 1.50 17.91
C ALA B 316 21.42 0.91 16.60
N GLY B 317 20.48 0.36 15.82
CA GLY B 317 20.77 -0.18 14.50
C GLY B 317 21.13 -1.65 14.45
N ASP B 318 21.90 -2.02 13.43
CA ASP B 318 22.24 -3.43 13.19
C ASP B 318 23.04 -4.03 14.32
N CYS B 319 23.74 -3.19 15.09
CA CYS B 319 24.50 -3.73 16.23
C CYS B 319 23.66 -4.01 17.48
N ALA B 320 22.39 -3.59 17.48
CA ALA B 320 21.57 -3.73 18.67
C ALA B 320 20.47 -4.75 18.48
N THR B 321 19.79 -5.11 19.56
CA THR B 321 18.61 -5.98 19.48
C THR B 321 17.39 -5.13 19.17
N HIS B 322 16.35 -5.81 18.71
CA HIS B 322 15.19 -5.17 18.12
C HIS B 322 13.97 -5.81 18.71
N TYR B 323 13.30 -5.08 19.59
CA TYR B 323 12.10 -5.59 20.18
C TYR B 323 11.07 -5.89 19.07
N HIS B 324 10.40 -7.04 19.17
CA HIS B 324 9.51 -7.49 18.10
C HIS B 324 8.08 -7.37 18.55
N VAL B 325 7.25 -6.64 17.80
CA VAL B 325 5.86 -6.34 18.20
C VAL B 325 5.05 -7.61 18.45
N ILE B 326 5.29 -8.61 17.63
CA ILE B 326 4.48 -9.87 17.64
C ILE B 326 5.14 -10.98 18.45
N LYS B 327 6.44 -11.13 18.32
CA LYS B 327 7.15 -12.08 19.21
C LYS B 327 7.19 -11.59 20.66
N GLU B 328 7.20 -10.26 20.88
CA GLU B 328 7.25 -9.73 22.25
C GLU B 328 8.53 -10.14 22.97
N ILE B 329 9.57 -10.30 22.17
CA ILE B 329 10.91 -10.62 22.61
C ILE B 329 11.86 -9.70 21.84
N HIS B 330 13.11 -9.55 22.31
CA HIS B 330 14.13 -8.76 21.57
C HIS B 330 14.84 -9.63 20.55
N ASP B 331 14.50 -9.40 19.29
CA ASP B 331 14.98 -10.16 18.17
C ASP B 331 16.20 -9.45 17.60
N HIS B 332 16.70 -9.95 16.47
CA HIS B 332 17.73 -9.25 15.74
C HIS B 332 17.37 -9.36 14.28
N ILE B 333 16.84 -8.28 13.73
CA ILE B 333 16.46 -8.20 12.32
C ILE B 333 17.09 -6.92 11.76
N PRO B 334 18.36 -6.99 11.41
CA PRO B 334 19.03 -5.77 11.02
C PRO B 334 18.58 -5.28 9.63
N ILE B 335 17.91 -4.12 9.59
CA ILE B 335 17.62 -3.46 8.34
C ILE B 335 17.66 -1.96 8.54
N GLY B 336 17.72 -1.24 7.42
CA GLY B 336 17.95 0.20 7.44
C GLY B 336 16.77 0.99 7.97
N THR B 337 15.55 0.50 7.81
CA THR B 337 14.40 1.22 8.33
C THR B 337 14.46 1.22 9.87
N THR B 338 14.58 0.04 10.46
CA THR B 338 14.84 -0.08 11.89
C THR B 338 16.06 0.70 12.38
N ALA B 339 17.14 0.73 11.59
CA ALA B 339 18.36 1.45 12.00
C ALA B 339 18.12 2.92 12.12
N ASN B 340 17.42 3.48 11.15
CA ASN B 340 17.08 4.91 11.20
C ASN B 340 16.13 5.21 12.35
N LYS B 341 15.08 4.41 12.50
CA LYS B 341 14.18 4.58 13.65
C LYS B 341 14.88 4.51 15.01
N GLN B 342 15.75 3.52 15.21
CA GLN B 342 16.41 3.37 16.50
C GLN B 342 17.45 4.46 16.73
N GLY B 343 18.16 4.85 15.67
CA GLY B 343 19.16 5.92 15.81
C GLY B 343 18.53 7.24 16.18
N ARG B 344 17.44 7.56 15.51
CA ARG B 344 16.66 8.74 15.86
C ARG B 344 16.16 8.71 17.32
N LEU B 345 15.59 7.58 17.75
CA LEU B 345 15.13 7.40 19.13
C LEU B 345 16.27 7.49 20.13
N ALA B 346 17.43 6.96 19.76
CA ALA B 346 18.58 6.96 20.66
C ALA B 346 19.05 8.40 20.88
N GLY B 347 19.05 9.22 19.82
CA GLY B 347 19.42 10.63 19.94
C GLY B 347 18.44 11.36 20.83
N LEU B 348 17.14 11.18 20.57
CA LEU B 348 16.11 11.80 21.41
C LEU B 348 16.26 11.39 22.86
N ASN B 349 16.46 10.10 23.10
CA ASN B 349 16.58 9.61 24.47
C ASN B 349 17.85 10.04 25.20
N MSE B 350 18.94 10.16 24.44
CA MSE B 350 20.19 10.70 24.96
C MSE B 350 20.09 12.18 25.37
O MSE B 350 20.84 12.62 26.22
CB MSE B 350 21.30 10.57 23.91
CG MSE B 350 21.87 9.19 23.81
SE MSE B 350 22.76 8.97 22.06
CE MSE B 350 24.62 9.49 22.63
N LEU B 351 19.17 12.92 24.75
CA LEU B 351 18.79 14.28 25.17
C LEU B 351 17.72 14.30 26.29
N ASP B 352 17.34 13.12 26.79
CA ASP B 352 16.26 12.98 27.74
C ASP B 352 14.89 13.43 27.20
N LYS B 353 14.71 13.35 25.89
CA LYS B 353 13.39 13.51 25.28
C LYS B 353 12.80 12.10 25.18
N ARG B 354 12.25 11.64 26.30
CA ARG B 354 11.96 10.21 26.51
C ARG B 354 10.95 9.70 25.53
N ARG B 355 11.27 8.63 24.79
CA ARG B 355 10.34 8.09 23.82
C ARG B 355 10.71 6.66 23.56
N ALA B 356 9.75 5.76 23.75
CA ALA B 356 9.95 4.32 23.59
C ALA B 356 9.91 3.89 22.14
N PHE B 357 10.77 2.92 21.80
CA PHE B 357 10.80 2.28 20.51
C PHE B 357 9.66 1.26 20.49
N LYS B 358 8.78 1.35 19.50
CA LYS B 358 7.58 0.51 19.50
C LYS B 358 7.86 -0.92 19.02
N GLY B 359 8.95 -1.09 18.29
CA GLY B 359 9.35 -2.41 17.84
C GLY B 359 9.45 -2.55 16.34
N THR B 360 9.93 -3.72 15.94
CA THR B 360 10.03 -4.14 14.56
C THR B 360 8.93 -5.19 14.31
N LEU B 361 8.53 -5.32 13.05
CA LEU B 361 7.57 -6.36 12.66
C LEU B 361 8.25 -7.44 11.85
N GLY B 362 9.51 -7.25 11.52
CA GLY B 362 10.20 -8.23 10.70
C GLY B 362 9.82 -8.04 9.25
N THR B 363 9.38 -6.83 8.91
CA THR B 363 9.03 -6.54 7.53
C THR B 363 10.26 -6.62 6.60
N GLY B 364 10.10 -7.21 5.41
CA GLY B 364 11.16 -7.26 4.42
C GLY B 364 10.61 -7.33 3.02
N ILE B 365 11.21 -6.62 2.08
CA ILE B 365 10.80 -6.70 0.67
C ILE B 365 12.02 -6.82 -0.27
N ILE B 366 11.90 -7.66 -1.32
CA ILE B 366 13.01 -7.92 -2.26
C ILE B 366 12.49 -7.84 -3.70
N LYS B 367 13.18 -7.11 -4.58
CA LYS B 367 12.96 -7.32 -6.01
C LYS B 367 13.81 -8.50 -6.47
N PHE B 368 13.15 -9.49 -7.08
CA PHE B 368 13.88 -10.63 -7.66
C PHE B 368 13.38 -10.99 -9.06
N MSE B 369 14.16 -10.60 -10.09
CA MSE B 369 13.77 -10.75 -11.50
C MSE B 369 12.43 -10.06 -11.72
O MSE B 369 12.30 -8.87 -11.46
CB MSE B 369 13.77 -12.22 -11.93
CG MSE B 369 15.11 -12.96 -11.75
SE MSE B 369 16.70 -11.99 -12.42
CE MSE B 369 16.19 -11.59 -14.29
N ASN B 370 11.43 -10.80 -12.21
CA ASN B 370 10.09 -10.23 -12.41
C ASN B 370 9.21 -10.13 -11.16
N LEU B 371 9.64 -10.76 -10.06
CA LEU B 371 8.83 -10.86 -8.86
C LEU B 371 9.21 -9.86 -7.81
N THR B 372 8.26 -9.49 -6.96
CA THR B 372 8.49 -8.75 -5.72
C THR B 372 8.16 -9.72 -4.63
N LEU B 373 9.04 -9.81 -3.63
CA LEU B 373 8.85 -10.78 -2.55
C LEU B 373 8.73 -10.04 -1.23
N ALA B 374 7.60 -10.14 -0.56
CA ALA B 374 7.43 -9.40 0.70
C ALA B 374 6.91 -10.28 1.83
N ARG B 375 7.32 -9.95 3.05
CA ARG B 375 6.91 -10.69 4.23
C ARG B 375 6.94 -9.76 5.43
N THR B 376 6.09 -10.00 6.41
CA THR B 376 6.08 -9.21 7.65
C THR B 376 5.54 -10.07 8.76
N GLY B 377 5.92 -9.80 10.01
CA GLY B 377 5.43 -10.59 11.14
C GLY B 377 6.01 -11.98 11.16
N LEU B 378 5.23 -12.93 11.66
CA LEU B 378 5.67 -14.32 11.82
C LEU B 378 5.35 -15.14 10.60
N ASN B 379 6.30 -15.99 10.20
CA ASN B 379 6.00 -17.05 9.25
C ASN B 379 5.81 -18.31 10.08
N GLU B 380 5.65 -19.45 9.41
CA GLU B 380 5.33 -20.68 10.14
C GLU B 380 6.45 -21.16 11.03
N LYS B 381 7.69 -21.00 10.60
CA LYS B 381 8.82 -21.44 11.38
C LYS B 381 8.89 -20.64 12.68
N GLU B 382 8.67 -19.34 12.59
CA GLU B 382 8.68 -18.44 13.75
C GLU B 382 7.53 -18.69 14.71
N ALA B 383 6.31 -18.77 14.19
CA ALA B 383 5.15 -19.13 15.00
C ALA B 383 5.31 -20.49 15.71
N LYS B 384 5.78 -21.50 15.00
CA LYS B 384 6.08 -22.78 15.63
C LYS B 384 7.15 -22.69 16.70
N GLY B 385 8.25 -21.98 16.43
CA GLY B 385 9.31 -21.86 17.41
C GLY B 385 8.88 -21.16 18.70
N LEU B 386 7.87 -20.30 18.61
CA LEU B 386 7.33 -19.58 19.76
C LEU B 386 6.22 -20.33 20.45
N HIS B 387 5.75 -21.42 19.84
CA HIS B 387 4.58 -22.16 20.33
C HIS B 387 3.32 -21.33 20.40
N ILE B 388 3.19 -20.42 19.45
CA ILE B 388 1.97 -19.64 19.29
C ILE B 388 1.00 -20.41 18.41
N PRO B 389 -0.20 -20.75 18.93
CA PRO B 389 -1.19 -21.50 18.16
C PRO B 389 -1.72 -20.67 16.99
N TYR B 390 -1.54 -21.15 15.75
CA TYR B 390 -1.89 -20.36 14.58
C TYR B 390 -2.56 -21.20 13.50
N LYS B 391 -3.29 -20.54 12.60
CA LYS B 391 -3.77 -21.16 11.38
C LYS B 391 -3.31 -20.27 10.24
N THR B 392 -3.44 -20.74 9.01
CA THR B 392 -3.03 -19.95 7.86
C THR B 392 -4.17 -19.91 6.84
N VAL B 393 -4.15 -18.90 5.98
CA VAL B 393 -5.01 -18.82 4.80
CA VAL B 393 -5.02 -18.83 4.80
C VAL B 393 -4.13 -18.41 3.63
N LYS B 394 -4.25 -19.13 2.52
CA LYS B 394 -3.52 -18.79 1.32
C LYS B 394 -4.48 -18.61 0.17
N VAL B 395 -4.26 -17.56 -0.60
CA VAL B 395 -5.14 -17.19 -1.71
C VAL B 395 -4.26 -16.99 -2.94
N ASP B 396 -4.62 -17.63 -4.05
CA ASP B 396 -4.03 -17.30 -5.35
C ASP B 396 -5.05 -16.39 -6.02
N SER B 397 -4.64 -15.17 -6.27
CA SER B 397 -5.56 -14.11 -6.60
C SER B 397 -4.92 -13.29 -7.71
N THR B 398 -5.37 -12.05 -7.89
CA THR B 398 -4.81 -11.14 -8.85
C THR B 398 -4.61 -9.80 -8.13
N ASN B 399 -3.74 -8.94 -8.66
CA ASN B 399 -3.45 -7.66 -8.02
C ASN B 399 -4.56 -6.63 -8.27
N MSE B 400 -5.40 -6.89 -9.27
CA MSE B 400 -6.52 -6.05 -9.57
C MSE B 400 -7.58 -6.87 -10.27
O MSE B 400 -7.39 -8.05 -10.52
CB MSE B 400 -6.11 -4.87 -10.44
CG MSE B 400 -5.58 -5.30 -11.77
SE MSE B 400 -4.65 -3.87 -12.65
CE MSE B 400 -3.13 -3.63 -11.41
N ALA B 401 -8.69 -6.18 -10.57
CA ALA B 401 -9.82 -6.71 -11.30
C ALA B 401 -9.35 -7.62 -12.44
N GLY B 402 -9.81 -8.87 -12.41
CA GLY B 402 -9.33 -9.87 -13.37
C GLY B 402 -9.63 -9.53 -14.83
N TYR B 403 -10.67 -8.73 -15.05
CA TYR B 403 -11.09 -8.34 -16.40
C TYR B 403 -10.29 -7.14 -16.96
N TYR B 404 -9.55 -6.46 -16.08
CA TYR B 404 -8.71 -5.29 -16.44
C TYR B 404 -7.38 -5.72 -17.06
N PRO B 405 -6.94 -5.05 -18.15
CA PRO B 405 -5.74 -5.48 -18.89
C PRO B 405 -4.46 -5.51 -18.06
N ASN B 406 -3.67 -6.56 -18.23
CA ASN B 406 -2.44 -6.75 -17.42
C ASN B 406 -2.61 -6.88 -15.86
N ALA B 407 -3.80 -7.32 -15.41
CA ALA B 407 -3.94 -7.87 -14.07
C ALA B 407 -2.93 -9.00 -14.01
N LYS B 408 -2.22 -9.14 -12.89
CA LYS B 408 -1.15 -10.13 -12.76
C LYS B 408 -1.45 -10.99 -11.55
N PRO B 409 -0.98 -12.26 -11.56
CA PRO B 409 -1.31 -13.08 -10.39
C PRO B 409 -0.67 -12.52 -9.10
N LEU B 410 -1.32 -12.83 -7.98
CA LEU B 410 -0.83 -12.37 -6.68
C LEU B 410 -1.07 -13.49 -5.68
N TYR B 411 -0.01 -13.94 -5.01
CA TYR B 411 -0.10 -15.01 -4.04
C TYR B 411 0.11 -14.44 -2.65
N LEU B 412 -0.81 -14.74 -1.74
CA LEU B 412 -0.84 -14.06 -0.45
C LEU B 412 -1.20 -15.07 0.61
N LYS B 413 -0.47 -15.04 1.72
CA LYS B 413 -0.69 -15.97 2.81
C LYS B 413 -0.71 -15.18 4.10
N LEU B 414 -1.64 -15.50 4.99
CA LEU B 414 -1.70 -14.84 6.28
C LEU B 414 -1.66 -15.92 7.37
N LEU B 415 -1.02 -15.59 8.48
CA LEU B 415 -1.09 -16.39 9.68
C LEU B 415 -1.86 -15.60 10.69
N TYR B 416 -2.65 -16.31 11.48
CA TYR B 416 -3.41 -15.70 12.53
C TYR B 416 -3.56 -16.66 13.69
N ARG B 417 -3.73 -16.10 14.88
CA ARG B 417 -3.91 -16.92 16.08
C ARG B 417 -5.21 -17.73 16.04
N SER B 418 -5.10 -19.03 16.34
CA SER B 418 -6.28 -19.91 16.44
C SER B 418 -7.33 -19.44 17.41
N ASP B 419 -6.90 -18.92 18.56
CA ASP B 419 -7.87 -18.57 19.59
C ASP B 419 -8.48 -17.20 19.36
N THR B 420 -7.63 -16.17 19.39
CA THR B 420 -8.09 -14.79 19.37
C THR B 420 -8.28 -14.22 17.95
N LYS B 421 -7.76 -14.94 16.96
CA LYS B 421 -7.76 -14.52 15.55
C LYS B 421 -6.85 -13.32 15.25
N GLN B 422 -6.02 -12.91 16.21
CA GLN B 422 -5.08 -11.81 16.01
C GLN B 422 -4.25 -12.13 14.80
N LEU B 423 -4.11 -11.17 13.89
CA LEU B 423 -3.20 -11.34 12.75
C LEU B 423 -1.74 -11.46 13.21
N LEU B 424 -1.04 -12.47 12.67
CA LEU B 424 0.34 -12.78 13.08
C LEU B 424 1.43 -12.44 12.07
N GLY B 425 1.11 -12.52 10.79
CA GLY B 425 2.07 -12.23 9.75
C GLY B 425 1.45 -12.48 8.40
N GLY B 426 2.20 -12.14 7.35
CA GLY B 426 1.76 -12.34 5.98
C GLY B 426 2.97 -12.45 5.07
N GLN B 427 2.78 -13.10 3.93
CA GLN B 427 3.79 -13.19 2.86
C GLN B 427 3.05 -12.96 1.58
N VAL B 428 3.61 -12.11 0.73
CA VAL B 428 2.96 -11.76 -0.52
C VAL B 428 4.01 -11.87 -1.64
N ILE B 429 3.65 -12.51 -2.74
CA ILE B 429 4.54 -12.70 -3.88
C ILE B 429 3.78 -12.43 -5.16
N GLY B 430 4.37 -11.67 -6.06
CA GLY B 430 3.80 -11.43 -7.36
C GLY B 430 4.57 -10.35 -8.08
N GLU B 431 4.06 -9.89 -9.21
CA GLU B 431 4.79 -8.87 -10.00
C GLU B 431 4.49 -7.42 -9.72
N GLU B 432 3.27 -7.12 -9.29
CA GLU B 432 2.86 -5.73 -9.03
C GLU B 432 1.91 -5.73 -7.84
N GLY B 433 1.88 -4.62 -7.11
CA GLY B 433 0.98 -4.48 -5.96
C GLY B 433 1.30 -5.32 -4.73
N VAL B 434 2.49 -5.91 -4.69
CA VAL B 434 2.98 -6.62 -3.52
C VAL B 434 3.37 -5.70 -2.36
N ASP B 435 4.08 -4.61 -2.64
CA ASP B 435 4.48 -3.65 -1.60
C ASP B 435 3.27 -2.98 -0.91
N LYS B 436 2.23 -2.68 -1.68
CA LYS B 436 0.96 -2.19 -1.15
C LYS B 436 0.37 -3.17 -0.13
N ARG B 437 0.31 -4.43 -0.50
CA ARG B 437 -0.30 -5.40 0.37
C ARG B 437 0.50 -5.64 1.66
N ILE B 438 1.82 -5.73 1.56
CA ILE B 438 2.62 -5.97 2.74
C ILE B 438 2.56 -4.76 3.66
N ASP B 439 2.50 -3.56 3.08
CA ASP B 439 2.38 -2.36 3.93
C ASP B 439 1.04 -2.32 4.68
N VAL B 440 -0.05 -2.69 4.02
CA VAL B 440 -1.33 -2.84 4.71
C VAL B 440 -1.28 -3.93 5.81
N ILE B 441 -0.63 -5.05 5.53
CA ILE B 441 -0.52 -6.11 6.53
C ILE B 441 0.35 -5.62 7.69
N ALA B 442 1.41 -4.84 7.39
CA ALA B 442 2.28 -4.30 8.41
C ALA B 442 1.46 -3.42 9.34
N MSE B 443 0.61 -2.58 8.76
CA MSE B 443 -0.27 -1.68 9.53
C MSE B 443 -1.21 -2.44 10.44
O MSE B 443 -1.48 -2.04 11.57
CB MSE B 443 -1.12 -0.85 8.58
CG MSE B 443 -0.35 0.27 7.93
SE MSE B 443 0.29 1.65 9.24
CE MSE B 443 -1.46 2.35 9.77
N ALA B 444 -1.73 -3.54 9.92
CA ALA B 444 -2.65 -4.34 10.71
C ALA B 444 -1.96 -5.02 11.88
N LEU B 445 -0.76 -5.57 11.66
CA LEU B 445 0.05 -6.19 12.73
C LEU B 445 0.42 -5.14 13.77
N PHE B 446 0.79 -3.96 13.32
CA PHE B 446 1.15 -2.88 14.25
C PHE B 446 0.00 -2.55 15.19
N ASN B 447 -1.21 -2.55 14.65
CA ASN B 447 -2.37 -2.25 15.45
C ASN B 447 -2.99 -3.47 16.13
N LYS B 448 -2.31 -4.59 16.09
CA LYS B 448 -2.81 -5.82 16.73
C LYS B 448 -4.25 -6.17 16.33
N MSE B 449 -4.56 -6.02 15.05
CA MSE B 449 -5.89 -6.29 14.52
C MSE B 449 -6.19 -7.77 14.41
O MSE B 449 -5.29 -8.57 14.16
CB MSE B 449 -6.09 -5.65 13.16
CG MSE B 449 -6.03 -4.15 13.16
SE MSE B 449 -6.39 -3.50 11.33
CE MSE B 449 -8.28 -4.02 11.12
N SER B 450 -7.45 -8.13 14.63
CA SER B 450 -7.94 -9.46 14.32
C SER B 450 -8.08 -9.55 12.80
N ILE B 451 -7.84 -10.74 12.28
CA ILE B 451 -7.89 -10.97 10.85
C ILE B 451 -9.24 -10.57 10.23
N HIS B 452 -10.35 -10.88 10.90
CA HIS B 452 -11.65 -10.56 10.34
C HIS B 452 -11.96 -9.06 10.27
N ASP B 453 -11.29 -8.27 11.11
CA ASP B 453 -11.41 -6.81 11.05
C ASP B 453 -10.92 -6.20 9.74
N LEU B 454 -10.00 -6.90 9.06
CA LEU B 454 -9.52 -6.42 7.77
C LEU B 454 -10.65 -6.31 6.75
N GLU B 455 -11.67 -7.15 6.90
CA GLU B 455 -12.87 -7.04 6.07
C GLU B 455 -13.58 -5.68 6.13
N ASP B 456 -13.40 -4.95 7.22
CA ASP B 456 -14.14 -3.71 7.50
C ASP B 456 -13.43 -2.43 7.09
N VAL B 457 -12.19 -2.55 6.68
CA VAL B 457 -11.40 -1.37 6.35
C VAL B 457 -11.74 -0.82 4.97
N ASP B 458 -11.90 0.51 4.87
CA ASP B 458 -12.31 1.13 3.62
C ASP B 458 -11.02 1.40 2.81
N LEU B 459 -10.46 0.33 2.24
CA LEU B 459 -9.30 0.43 1.38
C LEU B 459 -9.74 0.92 0.00
N SER B 460 -8.79 1.46 -0.76
CA SER B 460 -9.13 2.05 -2.06
C SER B 460 -9.38 1.01 -3.14
N TYR B 461 -10.33 1.30 -4.02
CA TYR B 461 -10.54 0.50 -5.21
C TYR B 461 -10.95 1.35 -6.42
N ALA B 462 -10.20 1.14 -7.51
CA ALA B 462 -10.65 1.42 -8.87
C ALA B 462 -10.04 0.29 -9.73
N PRO B 463 -10.63 0.00 -10.91
CA PRO B 463 -10.10 -1.12 -11.70
C PRO B 463 -8.58 -1.17 -11.97
N PRO B 464 -7.91 -0.02 -12.22
CA PRO B 464 -6.46 -0.12 -12.44
C PRO B 464 -5.61 -0.45 -11.21
N TYR B 465 -6.22 -0.54 -10.02
CA TYR B 465 -5.43 -0.66 -8.77
C TYR B 465 -5.74 -1.87 -7.91
N ASN B 466 -6.94 -2.41 -7.99
CA ASN B 466 -7.35 -3.43 -7.01
C ASN B 466 -8.60 -4.08 -7.52
N SER B 467 -9.12 -5.04 -6.76
CA SER B 467 -10.49 -5.53 -6.90
C SER B 467 -11.37 -4.94 -5.81
N VAL B 468 -12.69 -5.02 -5.96
CA VAL B 468 -13.59 -4.43 -4.96
C VAL B 468 -13.36 -4.94 -3.56
N TRP B 469 -12.95 -6.20 -3.43
CA TRP B 469 -12.38 -6.73 -2.20
C TRP B 469 -10.92 -6.95 -2.45
N ASP B 470 -10.07 -6.34 -1.63
CA ASP B 470 -8.63 -6.53 -1.73
C ASP B 470 -8.34 -8.01 -1.44
N PRO B 471 -7.29 -8.58 -2.07
CA PRO B 471 -6.79 -9.91 -1.75
C PRO B 471 -6.62 -10.20 -0.26
N ILE B 472 -6.16 -9.21 0.49
CA ILE B 472 -6.06 -9.36 1.96
C ILE B 472 -7.41 -9.65 2.60
N GLN B 473 -8.45 -8.95 2.14
CA GLN B 473 -9.81 -9.11 2.67
C GLN B 473 -10.44 -10.41 2.21
N GLN B 474 -10.18 -10.83 0.97
CA GLN B 474 -10.64 -12.17 0.54
C GLN B 474 -9.96 -13.28 1.34
N ALA B 475 -8.68 -13.14 1.63
CA ALA B 475 -8.02 -14.09 2.48
C ALA B 475 -8.59 -14.02 3.88
N ALA B 476 -8.78 -12.83 4.41
CA ALA B 476 -9.41 -12.69 5.73
C ALA B 476 -10.75 -13.41 5.83
N ARG B 477 -11.56 -13.34 4.78
CA ARG B 477 -12.89 -13.93 4.80
C ARG B 477 -12.83 -15.46 4.86
N ARG B 478 -11.75 -16.05 4.36
CA ARG B 478 -11.63 -17.54 4.36
C ARG B 478 -11.14 -18.08 5.69
N ALA B 479 -10.63 -17.18 6.54
CA ALA B 479 -10.16 -17.55 7.86
C ALA B 479 -11.33 -17.99 8.76
N GLU B 480 -11.04 -18.86 9.72
CA GLU B 480 -12.01 -19.36 10.66
C GLU B 480 -12.34 -18.33 11.75
N1A COA C . -12.32 -21.74 0.12
C2A COA C . -13.14 -21.46 1.15
N3A COA C . -14.03 -20.43 1.08
C4A COA C . -14.10 -19.66 -0.05
C5A COA C . -13.27 -19.93 -1.12
C6A COA C . -12.36 -21.00 -1.03
N6A COA C . -11.53 -21.28 -2.07
N7A COA C . -13.54 -19.02 -2.09
C8A COA C . -14.52 -18.21 -1.62
N9A COA C . -14.85 -18.62 -0.38
C1B COA C . -15.86 -18.00 0.49
C2B COA C . -15.33 -16.67 1.01
O2B COA C . -14.60 -16.78 2.24
C3B COA C . -16.57 -15.82 1.15
O3B COA C . -17.20 -16.14 2.39
P3B COA C . -18.11 -15.17 3.27
O7A COA C . -18.74 -16.00 4.35
O8A COA C . -19.13 -14.58 2.36
O9A COA C . -17.16 -14.12 3.81
C4B COA C . -17.46 -16.35 0.04
O4B COA C . -16.95 -17.64 -0.31
C5B COA C . -17.38 -15.35 -1.12
C5B COA C . -17.52 -15.44 -1.16
O5B COA C . -17.84 -15.86 -2.36
O5B COA C . -18.76 -15.73 -1.78
P1A COA C . -17.78 -14.99 -3.73
P1A COA C . -19.02 -15.30 -3.30
O1A COA C . -16.40 -14.40 -3.89
O1A COA C . -17.91 -15.84 -4.15
O2A COA C . -18.38 -15.82 -4.83
O2A COA C . -20.47 -15.57 -3.66
O3A COA C . -18.79 -13.75 -3.46
O3A COA C . -18.80 -13.71 -3.25
P2A COA C . -20.36 -13.84 -3.13
P2A COA C . -19.67 -12.60 -2.44
O4A COA C . -20.55 -13.18 -1.78
O4A COA C . -18.71 -11.48 -2.08
O5A COA C . -20.87 -15.24 -3.32
O5A COA C . -20.45 -13.25 -1.32
O6A COA C . -21.05 -12.94 -4.24
O6A COA C . -20.70 -12.10 -3.58
CBP COA C . -21.23 -11.17 -5.87
CCP COA C . -20.36 -11.81 -4.80
CCP COA C . -20.23 -11.83 -4.90
CDP COA C . -20.59 -11.37 -7.24
CEP COA C . -22.57 -11.89 -5.88
CAP COA C . -21.45 -9.68 -5.53
OAP COA C . -20.20 -9.06 -5.15
C9P COA C . -21.98 -8.85 -6.66
O9P COA C . -23.12 -8.99 -7.07
N8P COA C . -21.20 -7.91 -7.20
C7P COA C . -21.64 -7.04 -8.29
C6P COA C . -20.38 -6.64 -9.00
C5P COA C . -19.74 -5.61 -8.12
O5P COA C . -18.98 -5.92 -7.22
N4P COA C . -20.02 -4.35 -8.38
C3P COA C . -19.45 -3.26 -7.64
C2P COA C . -18.06 -3.20 -8.22
S1P COA C . -17.85 -1.43 -8.38
PA FAD D . -26.30 -0.51 -8.02
O1A FAD D . -26.66 0.75 -8.71
O2A FAD D . -25.06 -1.27 -8.33
O5B FAD D . -27.51 -1.53 -8.09
C5B FAD D . -28.83 -1.17 -7.79
C4B FAD D . -29.76 -1.98 -8.70
O4B FAD D . -31.09 -1.68 -8.32
C3B FAD D . -29.64 -1.58 -10.16
O3B FAD D . -29.21 -2.75 -10.89
C2B FAD D . -31.04 -1.12 -10.59
O2B FAD D . -31.47 -1.66 -11.86
C1B FAD D . -31.94 -1.65 -9.49
N9A FAD D . -33.13 -0.85 -9.14
C8A FAD D . -33.15 0.49 -8.86
N7A FAD D . -34.42 0.84 -8.55
C5A FAD D . -35.19 -0.27 -8.64
C6A FAD D . -36.54 -0.55 -8.46
N6A FAD D . -37.44 0.42 -8.10
N1A FAD D . -37.01 -1.81 -8.63
C2A FAD D . -36.19 -2.79 -8.98
N3A FAD D . -34.89 -2.57 -9.17
C4A FAD D . -34.37 -1.31 -9.01
N1 FAD D . -17.05 2.30 -7.14
C2 FAD D . -15.83 2.03 -6.65
O2 FAD D . -15.71 1.60 -5.48
N3 FAD D . -14.74 2.22 -7.41
C4 FAD D . -14.84 2.65 -8.69
O4 FAD D . -13.80 2.81 -9.37
C4X FAD D . -16.11 2.93 -9.23
N5 FAD D . -16.27 3.38 -10.51
C5X FAD D . -17.50 3.63 -11.05
C6 FAD D . -17.62 4.07 -12.38
C7 FAD D . -18.86 4.35 -12.95
C7M FAD D . -18.93 4.83 -14.38
C8 FAD D . -20.01 4.17 -12.18
C8M FAD D . -21.40 4.43 -12.71
C9 FAD D . -19.88 3.72 -10.86
C9A FAD D . -18.63 3.44 -10.29
N10 FAD D . -18.50 2.99 -8.93
C10 FAD D . -17.22 2.73 -8.41
C1' FAD D . -19.68 2.82 -8.06
C2' FAD D . -20.15 1.42 -7.87
O2' FAD D . -20.36 0.98 -9.19
C3' FAD D . -21.47 1.51 -7.14
O3' FAD D . -21.27 2.16 -5.87
C4' FAD D . -22.08 0.15 -6.84
O4' FAD D . -22.54 -0.43 -8.07
C5' FAD D . -23.25 0.39 -5.94
O5' FAD D . -23.92 -0.85 -5.71
P FAD D . -25.43 -0.81 -5.29
O1P FAD D . -25.83 -2.29 -5.27
O2P FAD D . -25.80 -0.08 -4.04
O3P FAD D . -26.21 -0.08 -6.45
N1A COA E . 9.96 21.86 7.26
C2A COA E . 10.00 21.54 8.57
N3A COA E . 10.75 20.51 8.99
C4A COA E . 11.46 19.74 8.12
C5A COA E . 11.43 20.04 6.77
C6A COA E . 10.66 21.12 6.34
N6A COA E . 10.62 21.43 5.01
N7A COA E . 12.22 19.13 6.13
C8A COA E . 12.71 18.29 7.07
N9A COA E . 12.25 18.67 8.26
C1B COA E . 12.52 18.04 9.55
C2B COA E . 11.78 16.73 9.57
O2B COA E . 10.43 16.89 10.07
C3B COA E . 12.63 15.89 10.48
O3B COA E . 12.35 16.29 11.83
P3B COA E . 12.63 15.39 13.11
O7A COA E . 12.44 16.21 14.34
O8A COA E . 14.02 14.85 12.99
O9A COA E . 11.59 14.29 13.02
C4B COA E . 14.04 16.37 10.15
O4B COA E . 13.90 17.69 9.63
C5B COA E . 14.63 15.39 9.14
C5B COA E . 14.77 15.48 9.16
O5B COA E . 15.75 15.90 8.41
O5B COA E . 16.15 15.76 9.37
P1A COA E . 16.51 14.97 7.32
P1A COA E . 17.27 15.32 8.29
O1A COA E . 15.51 14.37 6.35
O1A COA E . 16.86 15.85 6.95
O2A COA E . 17.72 15.71 6.81
O2A COA E . 18.64 15.57 8.85
O3A COA E . 17.04 13.72 8.19
O3A COA E . 17.09 13.70 8.21
P2A COA E . 18.14 13.83 9.36
P2A COA E . 17.28 12.64 9.43
O4A COA E . 17.58 13.07 10.55
O4A COA E . 16.27 11.53 9.24
O5A COA E . 18.50 15.29 9.54
O5A COA E . 17.25 13.35 10.77
O6A COA E . 19.40 13.06 8.75
O6A COA E . 18.75 12.03 9.15
CBP COA E . 20.54 11.21 7.66
CCP COA E . 19.21 11.89 7.95
CCP COA E . 19.21 11.93 7.80
CDP COA E . 20.91 11.37 6.18
CEP COA E . 21.61 11.87 8.53
CAP COA E . 20.44 9.72 8.04
OAP COA E . 19.20 9.14 7.60
C9P COA E . 21.57 8.85 7.52
O9P COA E . 22.73 9.00 7.86
N8P COA E . 21.28 7.89 6.64
C7P COA E . 22.30 7.00 6.10
C6P COA E . 21.75 6.52 4.79
C5P COA E . 20.68 5.51 5.13
O5P COA E . 19.57 5.86 5.46
N4P COA E . 21.03 4.26 5.03
C3P COA E . 20.13 3.16 5.29
C2P COA E . 19.38 3.07 3.98
S1P COA E . 19.23 1.31 3.82
PA FAD F . 25.90 0.53 9.19
O1A FAD F . 26.56 -0.76 8.85
O2A FAD F . 25.13 1.27 8.14
O5B FAD F . 26.92 1.56 9.84
C5B FAD F . 27.83 1.13 10.83
C4B FAD F . 29.08 1.98 10.71
O4B FAD F . 29.94 1.75 11.82
C3B FAD F . 29.90 1.60 9.49
O3B FAD F . 29.95 2.80 8.68
C2B FAD F . 31.27 1.12 10.02
O2B FAD F . 32.39 1.63 9.26
C1B FAD F . 31.31 1.71 11.41
N9A FAD F . 32.10 0.97 12.42
C8A FAD F . 31.99 -0.34 12.75
N7A FAD F . 32.84 -0.63 13.75
C5A FAD F . 33.49 0.53 14.07
C6A FAD F . 34.48 0.87 15.00
N6A FAD F . 35.00 -0.05 15.85
N1A FAD F . 34.92 2.15 15.07
C2A FAD F . 34.42 3.07 14.24
N3A FAD F . 33.49 2.78 13.34
C4A FAD F . 33.01 1.52 13.23
N1 FAD F . 17.93 -2.33 4.52
C2 FAD F . 16.67 -2.07 4.16
O2 FAD F . 15.86 -1.61 4.99
N3 FAD F . 16.24 -2.30 2.90
C4 FAD F . 17.07 -2.78 1.95
O4 FAD F . 16.62 -2.96 0.79
C4X FAD F . 18.40 -3.06 2.29
N5 FAD F . 19.27 -3.54 1.35
C5X FAD F . 20.58 -3.80 1.65
C6 FAD F . 21.45 -4.29 0.66
C7 FAD F . 22.79 -4.55 0.96
C7M FAD F . 23.73 -5.07 -0.12
C8 FAD F . 23.26 -4.34 2.25
C8M FAD F . 24.70 -4.60 2.62
C9 FAD F . 22.38 -3.84 3.22
C9A FAD F . 21.04 -3.58 2.95
N10 FAD F . 20.17 -3.05 3.97
C10 FAD F . 18.82 -2.80 3.60
C1' FAD F . 20.60 -2.85 5.36
C2' FAD F . 20.85 -1.42 5.77
O2' FAD F . 21.80 -0.96 4.82
C3' FAD F . 21.51 -1.49 7.11
O3' FAD F . 20.60 -2.12 8.03
C4' FAD F . 21.81 -0.11 7.68
O4' FAD F . 22.93 0.39 6.94
C5' FAD F . 22.18 -0.29 9.14
O5' FAD F . 22.63 0.97 9.66
P FAD F . 23.60 0.97 10.88
O1P FAD F . 23.97 2.45 11.14
O2P FAD F . 23.08 0.23 12.09
O3P FAD F . 24.92 0.19 10.43
#